data_2VE3
#
_entry.id   2VE3
#
_cell.length_a   141.460
_cell.length_b   132.970
_cell.length_c   67.420
_cell.angle_alpha   90.00
_cell.angle_beta   114.50
_cell.angle_gamma   90.00
#
_symmetry.space_group_name_H-M   'C 1 2 1'
#
loop_
_entity.id
_entity.type
_entity.pdbx_description
1 polymer 'PUTATIVE CYTOCHROME P450 120'
2 non-polymer 'PROTOPORPHYRIN IX CONTAINING FE'
3 non-polymer 'RETINOIC ACID'
4 water water
#
_entity_poly.entity_id   1
_entity_poly.type   'polypeptide(L)'
_entity_poly.pdbx_seq_one_letter_code
;MITSPTNLNSLPIPPGDFGLPWLGETLNFLNDGDFGKKRQQQFGPIFKTRLFGKNVIFISGALANRFLFTKEQETFQATW
PLSTRILLGPNALATQMGEIHRSRRKILYQAFLPRTLDSYLPKMDGIVQGYLEQWGKANEVIWYPQLRRMTFDVAATLFM
GEKVSQNPQLFPWFETYIQGLFSLPIPLPNTLFGKSQRARALLLAELEKIIKARQQQPPSEEDALGILLAARDDNNQPLS
LPELKDQILLLLFAGHETLTSALSSFCLLLGQHSDIRERVRQEQNKLQLSQELTAETLKKMPYLDQVLQEVLRLIPPVGG
GFRELIQDCQFQGFHFPKGWLVSYQISQTHADPDLYPDPEKFDPERFTPDGSATHNPPFAHVPFGGGLRECLGKEFARLE
MKLFATRLIQQFDWTLLPGQNLELVVTPSPRPKDNLRVKLHSLM
;
_entity_poly.pdbx_strand_id   A,B
#
# COMPACT_ATOMS: atom_id res chain seq x y z
N ASN A 9 -39.56 -17.32 27.01
CA ASN A 9 -40.29 -16.02 26.90
C ASN A 9 -40.41 -15.51 25.46
N SER A 10 -41.56 -14.92 25.15
CA SER A 10 -42.00 -14.63 23.78
C SER A 10 -41.79 -13.15 23.37
N LEU A 11 -40.52 -12.75 23.28
CA LEU A 11 -40.14 -11.37 22.98
C LEU A 11 -39.68 -11.19 21.52
N PRO A 12 -39.86 -9.99 20.94
CA PRO A 12 -39.42 -9.81 19.54
C PRO A 12 -37.90 -9.65 19.41
N ILE A 13 -37.36 -9.88 18.22
CA ILE A 13 -35.98 -9.54 17.90
C ILE A 13 -35.90 -8.09 17.37
N PRO A 14 -34.73 -7.40 17.55
CA PRO A 14 -34.59 -6.00 17.17
C PRO A 14 -34.96 -5.70 15.72
N PRO A 15 -35.32 -4.44 15.43
CA PRO A 15 -35.56 -4.06 14.03
C PRO A 15 -34.24 -3.94 13.26
N GLY A 16 -34.28 -4.12 11.95
CA GLY A 16 -33.06 -4.06 11.15
C GLY A 16 -33.10 -4.98 9.94
N ASP A 17 -32.38 -4.59 8.88
CA ASP A 17 -32.29 -5.37 7.63
C ASP A 17 -31.10 -6.34 7.61
N PHE A 18 -31.39 -7.60 7.27
CA PHE A 18 -30.36 -8.64 7.17
C PHE A 18 -29.67 -8.64 5.82
N GLY A 19 -30.37 -8.11 4.80
CA GLY A 19 -29.84 -8.06 3.43
C GLY A 19 -29.72 -9.41 2.76
N LEU A 20 -28.78 -9.53 1.81
CA LEU A 20 -28.52 -10.79 1.10
C LEU A 20 -28.06 -11.88 2.04
N PRO A 21 -28.29 -13.17 1.67
CA PRO A 21 -27.70 -14.26 2.46
C PRO A 21 -26.18 -14.14 2.49
N TRP A 22 -25.60 -14.47 3.63
CA TRP A 22 -24.18 -14.31 3.95
C TRP A 22 -23.64 -12.86 3.83
N LEU A 23 -23.60 -12.30 2.62
CA LEU A 23 -23.07 -10.95 2.42
C LEU A 23 -23.73 -9.91 3.34
N GLY A 24 -25.06 -9.98 3.48
CA GLY A 24 -25.80 -9.11 4.38
C GLY A 24 -25.48 -7.65 4.14
N GLU A 25 -25.19 -6.93 5.21
CA GLU A 25 -24.79 -5.52 5.08
C GLU A 25 -23.29 -5.33 5.28
N THR A 26 -22.51 -6.38 5.01
CA THR A 26 -21.06 -6.35 5.20
C THR A 26 -20.40 -5.23 4.40
N LEU A 27 -20.88 -4.97 3.19
CA LEU A 27 -20.28 -3.93 2.35
C LEU A 27 -20.50 -2.53 2.92
N ASN A 28 -21.66 -2.31 3.52
CA ASN A 28 -21.97 -1.02 4.16
C ASN A 28 -21.08 -0.81 5.39
N PHE A 29 -20.98 -1.84 6.23
CA PHE A 29 -20.05 -1.86 7.36
C PHE A 29 -18.61 -1.52 6.96
N LEU A 30 -18.11 -2.15 5.90
CA LEU A 30 -16.71 -1.95 5.50
C LEU A 30 -16.44 -0.62 4.79
N ASN A 31 -17.47 0.00 4.21
CA ASN A 31 -17.29 1.15 3.36
C ASN A 31 -17.96 2.46 3.79
N ASP A 32 -19.08 2.37 4.51
CA ASP A 32 -19.84 3.55 4.93
C ASP A 32 -19.40 4.05 6.31
N GLY A 33 -19.03 5.33 6.38
CA GLY A 33 -18.73 5.97 7.67
C GLY A 33 -20.01 6.23 8.45
N ASP A 34 -21.11 5.79 7.85
CA ASP A 34 -22.47 6.16 8.21
C ASP A 34 -23.21 5.04 8.93
N PHE A 35 -22.58 3.87 8.99
CA PHE A 35 -23.27 2.61 9.28
C PHE A 35 -24.14 2.61 10.53
N GLY A 36 -23.54 2.91 11.69
CA GLY A 36 -24.23 2.79 12.98
C GLY A 36 -25.26 3.89 13.17
N LYS A 37 -24.89 5.11 12.78
CA LYS A 37 -25.74 6.29 12.88
C LYS A 37 -26.97 6.17 11.97
N LYS A 38 -26.76 5.71 10.73
CA LYS A 38 -27.85 5.49 9.78
C LYS A 38 -28.91 4.55 10.32
N ARG A 39 -28.48 3.44 10.89
CA ARG A 39 -29.38 2.42 11.39
C ARG A 39 -29.96 2.77 12.76
N GLN A 40 -29.32 3.70 13.47
CA GLN A 40 -29.89 4.18 14.72
C GLN A 40 -31.10 5.09 14.48
N GLN A 41 -30.96 6.00 13.52
CA GLN A 41 -32.05 6.86 13.08
C GLN A 41 -33.21 6.05 12.51
N GLN A 42 -32.90 5.20 11.52
CA GLN A 42 -33.90 4.38 10.83
C GLN A 42 -34.55 3.31 11.70
N PHE A 43 -33.77 2.68 12.58
CA PHE A 43 -34.29 1.54 13.35
C PHE A 43 -34.45 1.78 14.85
N GLY A 44 -33.61 2.62 15.44
CA GLY A 44 -33.68 2.84 16.89
C GLY A 44 -32.38 2.48 17.58
N PRO A 45 -32.31 2.68 18.91
CA PRO A 45 -31.09 2.45 19.70
C PRO A 45 -30.53 1.02 19.67
N ILE A 46 -31.39 0.03 19.47
CA ILE A 46 -30.99 -1.37 19.35
C ILE A 46 -31.40 -1.90 17.96
N PHE A 47 -30.40 -2.27 17.16
CA PHE A 47 -30.70 -2.73 15.81
C PHE A 47 -29.98 -4.03 15.43
N LYS A 48 -30.51 -4.75 14.45
CA LYS A 48 -29.88 -5.95 13.92
C LYS A 48 -29.42 -5.79 12.45
N THR A 49 -28.39 -6.54 12.11
CA THR A 49 -27.87 -6.57 10.76
C THR A 49 -27.27 -7.94 10.53
N ARG A 50 -26.63 -8.13 9.38
CA ARG A 50 -25.89 -9.35 9.13
C ARG A 50 -24.52 -8.97 8.58
N LEU A 51 -23.49 -9.51 9.20
CA LEU A 51 -22.13 -9.18 8.81
C LEU A 51 -21.30 -10.45 8.76
N PHE A 52 -20.57 -10.64 7.67
CA PHE A 52 -19.66 -11.79 7.46
C PHE A 52 -20.36 -13.11 7.80
N GLY A 53 -21.60 -13.24 7.37
CA GLY A 53 -22.40 -14.45 7.57
C GLY A 53 -23.05 -14.62 8.93
N LYS A 54 -22.88 -13.64 9.83
CA LYS A 54 -23.49 -13.69 11.17
C LYS A 54 -24.55 -12.59 11.38
N ASN A 55 -25.64 -12.98 12.04
CA ASN A 55 -26.65 -12.05 12.53
C ASN A 55 -26.09 -11.29 13.73
N VAL A 56 -26.14 -9.96 13.65
CA VAL A 56 -25.48 -9.11 14.65
C VAL A 56 -26.43 -8.05 15.21
N ILE A 57 -26.47 -7.91 16.53
CA ILE A 57 -27.23 -6.83 17.19
C ILE A 57 -26.24 -5.76 17.66
N PHE A 58 -26.43 -4.53 17.19
CA PHE A 58 -25.62 -3.40 17.64
C PHE A 58 -26.30 -2.68 18.82
N ILE A 59 -25.55 -2.50 19.90
CA ILE A 59 -25.99 -1.78 21.10
C ILE A 59 -24.96 -0.72 21.45
N SER A 60 -25.38 0.26 22.26
CA SER A 60 -24.48 1.29 22.82
C SER A 60 -25.03 2.00 24.08
N GLY A 61 -24.20 2.82 24.72
CA GLY A 61 -24.61 3.51 25.93
C GLY A 61 -24.25 2.74 27.17
N ALA A 62 -24.27 3.45 28.32
CA ALA A 62 -23.84 2.89 29.59
C ALA A 62 -24.54 1.57 29.97
N LEU A 63 -25.85 1.53 29.81
CA LEU A 63 -26.63 0.37 30.25
C LEU A 63 -26.40 -0.87 29.40
N ALA A 64 -26.30 -0.67 28.08
CA ALA A 64 -25.98 -1.76 27.16
C ALA A 64 -24.56 -2.27 27.40
N ASN A 65 -23.65 -1.37 27.73
CA ASN A 65 -22.27 -1.72 28.08
C ASN A 65 -22.20 -2.47 29.41
N ARG A 66 -23.05 -2.06 30.34
CA ARG A 66 -23.20 -2.75 31.63
C ARG A 66 -23.65 -4.20 31.40
N PHE A 67 -24.75 -4.37 30.68
CA PHE A 67 -25.28 -5.66 30.25
C PHE A 67 -24.21 -6.60 29.64
N LEU A 68 -23.44 -6.06 28.69
CA LEU A 68 -22.42 -6.82 27.98
C LEU A 68 -21.22 -7.18 28.87
N PHE A 69 -20.95 -6.38 29.89
CA PHE A 69 -19.83 -6.63 30.79
C PHE A 69 -20.28 -7.14 32.17
N THR A 70 -21.42 -7.85 32.19
CA THR A 70 -21.99 -8.40 33.43
C THR A 70 -22.36 -9.87 33.22
N LYS A 71 -22.10 -10.70 34.24
CA LYS A 71 -22.34 -12.14 34.15
C LYS A 71 -21.88 -12.62 32.78
N GLU A 72 -20.66 -12.22 32.43
CA GLU A 72 -20.13 -12.30 31.08
C GLU A 72 -19.70 -13.71 30.66
N GLN A 73 -18.96 -14.37 31.55
CA GLN A 73 -18.46 -15.74 31.39
C GLN A 73 -19.53 -16.75 30.94
N GLU A 74 -20.73 -16.65 31.51
CA GLU A 74 -21.82 -17.56 31.19
C GLU A 74 -22.66 -17.11 30.00
N THR A 75 -22.42 -15.90 29.50
CA THR A 75 -23.28 -15.30 28.48
C THR A 75 -22.57 -14.87 27.19
N PHE A 76 -21.40 -14.25 27.33
CA PHE A 76 -20.72 -13.62 26.19
C PHE A 76 -19.34 -14.21 25.92
N GLN A 77 -19.10 -14.53 24.65
CA GLN A 77 -17.84 -15.08 24.21
C GLN A 77 -17.27 -14.14 23.17
N ALA A 78 -16.10 -13.56 23.44
CA ALA A 78 -15.50 -12.60 22.51
C ALA A 78 -15.26 -13.18 21.12
N THR A 79 -15.45 -12.34 20.10
CA THR A 79 -15.17 -12.77 18.75
C THR A 79 -14.76 -11.56 17.90
N TRP A 80 -14.38 -11.84 16.65
CA TRP A 80 -13.98 -10.81 15.70
C TRP A 80 -14.49 -11.27 14.34
N PRO A 81 -14.73 -10.32 13.42
CA PRO A 81 -15.06 -10.66 12.02
C PRO A 81 -14.12 -11.73 11.38
N LEU A 82 -14.66 -12.51 10.46
CA LEU A 82 -13.94 -13.67 9.89
C LEU A 82 -12.53 -13.35 9.38
N SER A 83 -12.39 -12.23 8.67
CA SER A 83 -11.11 -11.76 8.18
C SER A 83 -10.11 -11.49 9.31
N THR A 84 -10.59 -10.83 10.38
CA THR A 84 -9.77 -10.48 11.54
C THR A 84 -9.25 -11.73 12.25
N ARG A 85 -10.12 -12.69 12.46
CA ARG A 85 -9.74 -13.92 13.15
C ARG A 85 -8.65 -14.67 12.43
N ILE A 86 -8.83 -14.89 11.12
CA ILE A 86 -7.85 -15.57 10.27
C ILE A 86 -6.48 -14.88 10.28
N LEU A 87 -6.48 -13.55 10.21
CA LEU A 87 -5.24 -12.77 10.13
C LEU A 87 -4.50 -12.59 11.46
N LEU A 88 -5.26 -12.58 12.56
CA LEU A 88 -4.69 -12.60 13.91
C LEU A 88 -4.05 -13.94 14.24
N GLY A 89 -4.70 -15.03 13.83
CA GLY A 89 -4.25 -16.37 14.12
C GLY A 89 -4.99 -17.00 15.29
N PRO A 90 -4.99 -18.35 15.36
CA PRO A 90 -5.69 -19.04 16.45
C PRO A 90 -4.97 -18.93 17.80
N ASN A 91 -3.72 -18.51 17.80
CA ASN A 91 -2.90 -18.46 18.99
C ASN A 91 -2.61 -17.07 19.55
N ALA A 92 -3.53 -16.14 19.29
CA ALA A 92 -3.43 -14.76 19.77
C ALA A 92 -4.45 -14.54 20.93
N LEU A 93 -4.13 -13.65 21.84
CA LEU A 93 -5.04 -13.37 22.96
C LEU A 93 -6.42 -12.96 22.47
N ALA A 94 -6.46 -12.10 21.47
CA ALA A 94 -7.71 -11.68 20.86
C ALA A 94 -8.58 -12.87 20.37
N THR A 95 -7.97 -14.02 20.11
CA THR A 95 -8.69 -15.20 19.57
C THR A 95 -8.71 -16.38 20.56
N GLN A 96 -8.19 -16.15 21.75
CA GLN A 96 -8.19 -17.14 22.84
C GLN A 96 -9.42 -17.03 23.71
N MET A 97 -9.84 -18.19 24.25
CA MET A 97 -11.01 -18.29 25.10
C MET A 97 -10.69 -18.93 26.42
N GLY A 98 -11.52 -18.62 27.42
CA GLY A 98 -11.54 -19.34 28.69
C GLY A 98 -10.22 -19.44 29.41
N GLU A 99 -9.85 -20.68 29.75
CA GLU A 99 -8.67 -20.96 30.56
C GLU A 99 -7.37 -20.50 29.93
N ILE A 100 -7.23 -20.76 28.63
CA ILE A 100 -6.09 -20.26 27.87
C ILE A 100 -6.07 -18.72 27.86
N HIS A 101 -7.23 -18.10 27.58
CA HIS A 101 -7.35 -16.64 27.63
C HIS A 101 -6.97 -16.06 29.00
N ARG A 102 -7.54 -16.61 30.07
CA ARG A 102 -7.23 -16.15 31.45
C ARG A 102 -5.74 -16.19 31.70
N SER A 103 -5.12 -17.29 31.27
CA SER A 103 -3.69 -17.52 31.44
C SER A 103 -2.81 -16.50 30.69
N ARG A 104 -3.05 -16.34 29.38
CA ARG A 104 -2.22 -15.43 28.58
C ARG A 104 -2.45 -13.96 28.98
N ARG A 105 -3.64 -13.67 29.47
CA ARG A 105 -3.94 -12.36 30.01
C ARG A 105 -2.99 -12.00 31.17
N LYS A 106 -2.78 -12.94 32.08
CA LYS A 106 -1.88 -12.72 33.22
C LYS A 106 -0.40 -12.66 32.80
N ILE A 107 -0.04 -13.47 31.80
CA ILE A 107 1.30 -13.50 31.21
C ILE A 107 1.66 -12.18 30.51
N LEU A 108 0.76 -11.72 29.64
CA LEU A 108 0.97 -10.51 28.85
C LEU A 108 0.99 -9.23 29.71
N TYR A 109 0.16 -9.19 30.74
CA TYR A 109 0.12 -8.03 31.64
C TYR A 109 1.49 -7.68 32.23
N GLN A 110 2.28 -8.70 32.49
CA GLN A 110 3.64 -8.52 33.00
C GLN A 110 4.52 -7.63 32.11
N ALA A 111 4.20 -7.55 30.83
CA ALA A 111 4.88 -6.63 29.91
C ALA A 111 4.51 -5.17 30.16
N PHE A 112 3.41 -4.94 30.87
CA PHE A 112 2.90 -3.57 31.07
C PHE A 112 2.80 -3.15 32.54
N LEU A 113 3.67 -3.72 33.37
CA LEU A 113 3.72 -3.34 34.80
C LEU A 113 4.24 -1.92 34.97
N PRO A 114 3.73 -1.20 35.99
CA PRO A 114 4.13 0.19 36.28
C PRO A 114 5.63 0.47 36.15
N ARG A 115 6.47 -0.44 36.64
CA ARG A 115 7.92 -0.24 36.57
C ARG A 115 8.51 -0.58 35.21
N THR A 116 7.94 -1.56 34.52
CA THR A 116 8.42 -1.96 33.18
C THR A 116 8.12 -0.86 32.17
N LEU A 117 7.00 -0.17 32.38
CA LEU A 117 6.64 0.97 31.55
C LEU A 117 7.61 2.13 31.79
N ASP A 118 7.96 2.35 33.06
CA ASP A 118 8.94 3.37 33.44
C ASP A 118 10.27 3.14 32.70
N SER A 119 10.65 1.87 32.55
CA SER A 119 11.88 1.52 31.83
C SER A 119 11.79 1.67 30.32
N TYR A 120 10.57 1.78 29.77
CA TYR A 120 10.38 2.00 28.33
C TYR A 120 10.73 3.42 27.91
N LEU A 121 10.64 4.37 28.84
CA LEU A 121 10.72 5.80 28.54
C LEU A 121 11.91 6.32 27.71
N PRO A 122 13.16 6.04 28.15
CA PRO A 122 14.34 6.56 27.45
C PRO A 122 14.35 6.28 25.93
N LYS A 123 14.09 5.03 25.53
CA LYS A 123 14.05 4.68 24.11
C LYS A 123 12.86 5.31 23.43
N MET A 124 11.74 5.36 24.14
CA MET A 124 10.52 5.96 23.59
C MET A 124 10.69 7.45 23.33
N ASP A 125 11.25 8.16 24.31
CA ASP A 125 11.50 9.58 24.20
C ASP A 125 12.56 9.90 23.12
N GLY A 126 13.54 9.00 22.99
CA GLY A 126 14.57 9.12 21.97
C GLY A 126 14.00 8.96 20.56
N ILE A 127 13.09 8.01 20.39
CA ILE A 127 12.42 7.83 19.09
C ILE A 127 11.52 9.05 18.81
N VAL A 128 10.79 9.48 19.85
CA VAL A 128 9.84 10.60 19.72
C VAL A 128 10.50 11.94 19.29
N GLN A 129 11.51 12.36 20.05
CA GLN A 129 12.29 13.57 19.76
C GLN A 129 12.99 13.53 18.41
N GLY A 130 13.50 12.36 18.02
CA GLY A 130 14.10 12.19 16.71
C GLY A 130 13.16 12.61 15.59
N TYR A 131 11.90 12.17 15.66
CA TYR A 131 10.91 12.49 14.64
C TYR A 131 10.50 13.95 14.66
N LEU A 132 10.33 14.53 15.85
CA LEU A 132 9.94 15.94 16.00
C LEU A 132 10.96 16.86 15.36
N GLU A 133 12.24 16.55 15.57
CA GLU A 133 13.36 17.27 14.97
C GLU A 133 13.27 17.28 13.44
N GLN A 134 13.07 16.11 12.85
CA GLN A 134 12.86 15.99 11.40
C GLN A 134 11.66 16.84 10.94
N TRP A 135 10.51 16.69 11.61
CA TRP A 135 9.29 17.42 11.22
C TRP A 135 9.41 18.94 11.40
N GLY A 136 10.10 19.34 12.45
CA GLY A 136 10.39 20.76 12.70
C GLY A 136 11.27 21.45 11.66
N LYS A 137 12.11 20.66 10.97
CA LYS A 137 12.95 21.14 9.87
C LYS A 137 12.16 21.35 8.59
N ALA A 138 11.15 20.51 8.36
CA ALA A 138 10.36 20.56 7.12
C ALA A 138 9.48 21.81 7.04
N ASN A 139 8.96 22.09 5.85
CA ASN A 139 7.95 23.13 5.71
C ASN A 139 6.59 22.54 6.11
N GLU A 140 5.75 22.22 5.12
CA GLU A 140 4.55 21.44 5.37
C GLU A 140 4.89 19.98 5.70
N VAL A 141 4.26 19.45 6.76
CA VAL A 141 4.30 18.02 7.05
C VAL A 141 2.95 17.38 6.77
N ILE A 142 2.93 16.37 5.88
CA ILE A 142 1.75 15.51 5.72
C ILE A 142 1.80 14.49 6.88
N TRP A 143 1.11 14.82 7.98
CA TRP A 143 1.42 14.19 9.28
C TRP A 143 0.99 12.75 9.44
N TYR A 144 -0.20 12.40 8.98
CA TYR A 144 -0.72 11.09 9.31
C TYR A 144 0.27 9.92 8.98
N PRO A 145 0.82 9.86 7.73
CA PRO A 145 1.78 8.81 7.35
C PRO A 145 3.07 8.83 8.16
N GLN A 146 3.47 10.02 8.58
CA GLN A 146 4.61 10.20 9.49
C GLN A 146 4.37 9.62 10.88
N LEU A 147 3.19 9.87 11.43
CA LEU A 147 2.79 9.32 12.73
C LEU A 147 2.79 7.80 12.68
N ARG A 148 2.40 7.23 11.54
CA ARG A 148 2.42 5.79 11.30
C ARG A 148 3.83 5.23 11.31
N ARG A 149 4.79 5.99 10.78
CA ARG A 149 6.20 5.56 10.81
C ARG A 149 6.73 5.54 12.23
N MET A 150 6.47 6.63 12.97
CA MET A 150 6.90 6.78 14.34
C MET A 150 6.33 5.69 15.26
N THR A 151 5.01 5.53 15.28
CA THR A 151 4.39 4.61 16.25
C THR A 151 4.82 3.18 15.99
N PHE A 152 4.98 2.80 14.72
CA PHE A 152 5.53 1.47 14.41
C PHE A 152 6.94 1.34 14.98
N ASP A 153 7.78 2.36 14.76
CA ASP A 153 9.14 2.40 15.30
C ASP A 153 9.22 2.22 16.81
N VAL A 154 8.30 2.85 17.55
CA VAL A 154 8.27 2.73 19.00
C VAL A 154 7.90 1.30 19.40
N ALA A 155 6.88 0.76 18.73
CA ALA A 155 6.35 -0.54 19.06
C ALA A 155 7.37 -1.63 18.72
N ALA A 156 7.95 -1.57 17.51
CA ALA A 156 8.96 -2.55 17.12
C ALA A 156 10.15 -2.50 18.08
N THR A 157 10.58 -1.28 18.40
CA THR A 157 11.71 -1.04 19.30
C THR A 157 11.48 -1.58 20.72
N LEU A 158 10.39 -1.18 21.35
CA LEU A 158 10.16 -1.50 22.76
C LEU A 158 9.70 -2.94 23.00
N PHE A 159 9.06 -3.56 22.00
CA PHE A 159 8.55 -4.93 22.16
C PHE A 159 9.52 -5.99 21.66
N MET A 160 10.39 -5.64 20.72
CA MET A 160 11.33 -6.59 20.15
C MET A 160 12.81 -6.25 20.39
N GLY A 161 13.19 -4.99 20.14
CA GLY A 161 14.60 -4.57 20.24
C GLY A 161 15.00 -3.59 19.14
N GLU A 162 16.09 -2.85 19.38
CA GLU A 162 16.52 -1.73 18.52
C GLU A 162 17.00 -2.12 17.12
N LYS A 163 17.86 -3.15 17.02
CA LYS A 163 18.39 -3.63 15.73
C LYS A 163 17.31 -4.25 14.85
N VAL A 164 16.29 -4.81 15.51
CA VAL A 164 15.07 -5.32 14.86
C VAL A 164 14.35 -4.20 14.08
N SER A 165 14.28 -3.01 14.69
CA SER A 165 13.51 -1.87 14.15
C SER A 165 14.05 -1.29 12.85
N GLN A 166 15.37 -1.30 12.68
CA GLN A 166 15.99 -0.71 11.49
C GLN A 166 16.07 -1.71 10.34
N ASN A 167 14.95 -2.39 10.05
CA ASN A 167 14.99 -3.59 9.23
C ASN A 167 13.81 -4.02 8.36
N PRO A 168 13.70 -3.51 7.13
CA PRO A 168 13.36 -2.24 6.56
C PRO A 168 12.04 -2.55 5.81
N GLN A 169 11.70 -3.83 5.78
CA GLN A 169 10.56 -4.42 5.08
C GLN A 169 9.38 -4.64 6.03
N LEU A 170 9.66 -4.49 7.33
CA LEU A 170 8.73 -4.83 8.41
C LEU A 170 7.50 -3.91 8.43
N PHE A 171 7.75 -2.61 8.27
CA PHE A 171 6.72 -1.56 8.23
C PHE A 171 5.83 -1.71 6.99
N PRO A 172 6.41 -1.76 5.78
CA PRO A 172 5.63 -1.99 4.56
C PRO A 172 4.69 -3.21 4.64
N TRP A 173 5.19 -4.32 5.19
CA TRP A 173 4.40 -5.52 5.39
C TRP A 173 3.24 -5.33 6.38
N PHE A 174 3.52 -4.71 7.52
CA PHE A 174 2.50 -4.44 8.51
C PHE A 174 1.38 -3.56 7.99
N GLU A 175 1.73 -2.58 7.17
CA GLU A 175 0.76 -1.67 6.57
C GLU A 175 -0.22 -2.41 5.67
N THR A 176 0.31 -3.34 4.88
CA THR A 176 -0.47 -4.26 4.06
C THR A 176 -1.30 -5.25 4.90
N TYR A 177 -0.68 -5.85 5.92
CA TYR A 177 -1.37 -6.72 6.87
C TYR A 177 -2.60 -6.01 7.47
N ILE A 178 -2.39 -4.83 8.03
CA ILE A 178 -3.47 -4.01 8.62
C ILE A 178 -4.66 -3.72 7.67
N GLN A 179 -4.38 -3.39 6.42
CA GLN A 179 -5.42 -3.04 5.44
C GLN A 179 -6.45 -4.15 5.18
N GLY A 180 -6.06 -5.40 5.45
CA GLY A 180 -6.97 -6.54 5.24
C GLY A 180 -7.69 -7.04 6.48
N LEU A 181 -7.32 -6.53 7.66
CA LEU A 181 -7.90 -6.99 8.92
C LEU A 181 -9.43 -6.89 8.96
N PHE A 182 -9.96 -5.76 8.50
CA PHE A 182 -11.41 -5.63 8.31
C PHE A 182 -11.71 -5.46 6.83
N SER A 183 -12.00 -6.59 6.19
CA SER A 183 -12.18 -6.69 4.74
C SER A 183 -12.99 -7.95 4.39
N LEU A 184 -13.35 -8.08 3.11
CA LEU A 184 -14.00 -9.29 2.61
C LEU A 184 -12.98 -10.43 2.62
N PRO A 185 -13.26 -11.52 3.36
CA PRO A 185 -12.29 -12.61 3.51
C PRO A 185 -12.18 -13.48 2.24
N ILE A 186 -11.87 -12.85 1.12
CA ILE A 186 -11.68 -13.55 -0.16
C ILE A 186 -10.19 -13.79 -0.43
N PRO A 187 -9.80 -15.08 -0.40
CA PRO A 187 -8.41 -15.55 -0.46
C PRO A 187 -7.85 -15.59 -1.88
N LEU A 188 -7.76 -14.42 -2.51
CA LEU A 188 -7.14 -14.28 -3.82
C LEU A 188 -6.05 -13.22 -3.67
N PRO A 189 -4.97 -13.30 -4.48
CA PRO A 189 -3.91 -12.29 -4.41
C PRO A 189 -4.31 -10.86 -4.84
N ASN A 190 -5.44 -10.70 -5.49
CA ASN A 190 -5.89 -9.36 -5.90
C ASN A 190 -6.98 -8.72 -5.01
N THR A 191 -6.97 -9.08 -3.72
CA THR A 191 -7.88 -8.50 -2.73
C THR A 191 -7.04 -7.95 -1.59
N LEU A 192 -7.60 -7.03 -0.82
CA LEU A 192 -6.91 -6.50 0.35
C LEU A 192 -6.61 -7.65 1.32
N PHE A 193 -7.57 -8.56 1.46
CA PHE A 193 -7.45 -9.74 2.32
C PHE A 193 -6.31 -10.69 1.94
N GLY A 194 -6.23 -11.09 0.67
CA GLY A 194 -5.14 -11.98 0.22
C GLY A 194 -3.76 -11.36 0.33
N LYS A 195 -3.68 -10.06 0.09
CA LYS A 195 -2.43 -9.34 0.28
C LYS A 195 -2.02 -9.30 1.74
N SER A 196 -3.01 -9.26 2.64
CA SER A 196 -2.75 -9.23 4.08
C SER A 196 -2.36 -10.62 4.55
N GLN A 197 -2.93 -11.63 3.91
CA GLN A 197 -2.58 -13.03 4.15
C GLN A 197 -1.11 -13.28 3.86
N ARG A 198 -0.64 -12.71 2.75
CA ARG A 198 0.74 -12.85 2.29
C ARG A 198 1.66 -12.02 3.18
N ALA A 199 1.18 -10.83 3.57
CA ALA A 199 1.89 -9.97 4.52
C ALA A 199 2.11 -10.73 5.83
N ARG A 200 1.06 -11.38 6.33
CA ARG A 200 1.13 -12.15 7.59
C ARG A 200 2.18 -13.27 7.50
N ALA A 201 2.19 -13.97 6.37
CA ALA A 201 3.14 -15.08 6.15
C ALA A 201 4.58 -14.56 6.20
N LEU A 202 4.81 -13.46 5.52
CA LEU A 202 6.14 -12.83 5.47
C LEU A 202 6.56 -12.32 6.84
N LEU A 203 5.61 -11.74 7.59
CA LEU A 203 5.91 -11.24 8.93
C LEU A 203 6.20 -12.34 9.93
N LEU A 204 5.44 -13.43 9.89
CA LEU A 204 5.66 -14.55 10.82
C LEU A 204 7.04 -15.18 10.56
N ALA A 205 7.39 -15.33 9.29
CA ALA A 205 8.68 -15.91 8.89
C ALA A 205 9.84 -15.09 9.45
N GLU A 206 9.69 -13.77 9.45
CA GLU A 206 10.67 -12.86 10.05
C GLU A 206 10.70 -12.93 11.57
N LEU A 207 9.51 -12.95 12.19
CA LEU A 207 9.41 -12.97 13.64
C LEU A 207 9.98 -14.28 14.18
N GLU A 208 9.75 -15.38 13.45
CA GLU A 208 10.40 -16.67 13.75
C GLU A 208 11.92 -16.51 13.79
N LYS A 209 12.49 -15.82 12.78
CA LYS A 209 13.93 -15.54 12.73
C LYS A 209 14.36 -14.70 13.92
N ILE A 210 13.62 -13.62 14.19
CA ILE A 210 13.90 -12.72 15.30
C ILE A 210 13.87 -13.47 16.64
N ILE A 211 12.89 -14.37 16.80
CA ILE A 211 12.77 -15.19 18.04
C ILE A 211 13.93 -16.18 18.23
N LYS A 212 14.30 -16.90 17.18
CA LYS A 212 15.45 -17.83 17.22
C LYS A 212 16.78 -17.15 17.52
N ALA A 213 16.91 -15.88 17.14
CA ALA A 213 18.08 -15.09 17.48
C ALA A 213 18.11 -14.80 18.99
N ARG A 214 16.97 -14.37 19.53
CA ARG A 214 16.87 -13.98 20.96
C ARG A 214 17.05 -15.16 21.92
N GLN A 215 16.72 -16.36 21.46
CA GLN A 215 16.83 -17.59 22.25
C GLN A 215 18.28 -18.08 22.42
N GLN A 216 19.14 -17.72 21.47
CA GLN A 216 20.56 -18.07 21.56
C GLN A 216 21.34 -16.99 22.30
N GLN A 217 20.70 -16.43 23.33
CA GLN A 217 21.24 -15.29 24.10
C GLN A 217 20.78 -15.35 25.56
N PRO A 218 21.56 -14.74 26.48
CA PRO A 218 21.17 -14.65 27.89
C PRO A 218 19.76 -14.10 28.06
N PRO A 219 18.96 -14.68 28.98
CA PRO A 219 17.58 -14.27 29.14
C PRO A 219 17.47 -12.82 29.61
N SER A 220 16.69 -12.02 28.86
CA SER A 220 16.40 -10.62 29.22
C SER A 220 14.90 -10.34 29.18
N GLU A 221 14.37 -9.79 30.27
CA GLU A 221 12.96 -9.42 30.38
C GLU A 221 12.80 -7.90 30.29
N GLU A 222 13.63 -7.28 29.47
CA GLU A 222 13.59 -5.82 29.26
C GLU A 222 12.35 -5.41 28.46
N ASP A 223 11.99 -6.26 27.50
CA ASP A 223 10.91 -6.02 26.55
C ASP A 223 9.83 -7.11 26.55
N ALA A 224 8.83 -6.94 25.68
CA ALA A 224 7.69 -7.86 25.57
C ALA A 224 8.09 -9.25 25.09
N LEU A 225 8.94 -9.32 24.05
CA LEU A 225 9.39 -10.60 23.49
C LEU A 225 10.16 -11.45 24.52
N GLY A 226 11.05 -10.81 25.26
CA GLY A 226 11.76 -11.45 26.38
C GLY A 226 10.83 -11.96 27.44
N ILE A 227 9.85 -11.15 27.82
CA ILE A 227 8.79 -11.57 28.73
C ILE A 227 8.04 -12.84 28.26
N LEU A 228 7.68 -12.89 26.98
CA LEU A 228 6.97 -14.06 26.44
C LEU A 228 7.85 -15.30 26.37
N LEU A 229 9.12 -15.12 26.07
CA LEU A 229 10.07 -16.23 26.03
C LEU A 229 10.24 -16.83 27.41
N ALA A 230 10.20 -15.99 28.44
CA ALA A 230 10.36 -16.42 29.82
C ALA A 230 9.10 -17.05 30.41
N ALA A 231 7.93 -16.66 29.87
CA ALA A 231 6.61 -17.08 30.38
C ALA A 231 6.39 -18.59 30.48
N ARG A 232 5.70 -19.02 31.55
CA ARG A 232 5.30 -20.43 31.77
C ARG A 232 3.80 -20.53 32.11
N ASP A 233 3.10 -21.51 31.51
CA ASP A 233 1.68 -21.74 31.85
C ASP A 233 1.52 -22.36 33.25
N ASP A 234 0.29 -22.64 33.65
CA ASP A 234 0.04 -23.19 34.98
C ASP A 234 0.65 -24.59 35.15
N ASN A 235 0.94 -25.27 34.04
CA ASN A 235 1.58 -26.58 34.05
C ASN A 235 3.08 -26.48 33.73
N ASN A 236 3.63 -25.27 33.97
CA ASN A 236 5.04 -24.97 33.84
C ASN A 236 5.61 -25.18 32.44
N GLN A 237 4.73 -25.12 31.44
CA GLN A 237 5.13 -25.27 30.03
C GLN A 237 5.34 -23.91 29.34
N PRO A 238 6.40 -23.81 28.49
CA PRO A 238 6.61 -22.58 27.71
C PRO A 238 5.53 -22.37 26.65
N LEU A 239 5.43 -21.14 26.13
CA LEU A 239 4.57 -20.87 24.99
C LEU A 239 5.24 -21.45 23.76
N SER A 240 4.45 -22.12 22.91
CA SER A 240 4.96 -22.66 21.66
C SER A 240 5.43 -21.52 20.77
N LEU A 241 6.23 -21.87 19.76
CA LEU A 241 6.66 -20.92 18.74
C LEU A 241 5.48 -20.31 17.95
N PRO A 242 4.54 -21.13 17.45
CA PRO A 242 3.38 -20.52 16.78
C PRO A 242 2.60 -19.52 17.67
N GLU A 243 2.48 -19.83 18.96
CA GLU A 243 1.86 -18.90 19.89
C GLU A 243 2.69 -17.63 20.15
N LEU A 244 4.00 -17.82 20.29
CA LEU A 244 4.95 -16.70 20.44
C LEU A 244 4.86 -15.70 19.30
N LYS A 245 4.78 -16.20 18.08
CA LYS A 245 4.69 -15.36 16.89
C LYS A 245 3.34 -14.64 16.78
N ASP A 246 2.25 -15.33 17.05
CA ASP A 246 0.91 -14.75 17.06
C ASP A 246 0.76 -13.67 18.13
N GLN A 247 1.38 -13.90 19.29
CA GLN A 247 1.31 -12.96 20.41
C GLN A 247 2.07 -11.64 20.16
N ILE A 248 3.30 -11.72 19.60
CA ILE A 248 4.02 -10.48 19.27
C ILE A 248 3.40 -9.77 18.09
N LEU A 249 2.90 -10.51 17.12
CA LEU A 249 2.25 -9.88 15.98
C LEU A 249 1.06 -9.00 16.48
N LEU A 250 0.33 -9.49 17.49
CA LEU A 250 -0.82 -8.78 18.05
C LEU A 250 -0.40 -7.53 18.78
N LEU A 251 0.58 -7.67 19.67
CA LEU A 251 1.13 -6.55 20.44
C LEU A 251 1.71 -5.46 19.53
N LEU A 252 2.42 -5.87 18.48
CA LEU A 252 2.92 -4.91 17.49
C LEU A 252 1.80 -4.26 16.68
N PHE A 253 0.77 -5.01 16.29
CA PHE A 253 -0.39 -4.41 15.63
C PHE A 253 -1.14 -3.42 16.56
N ALA A 254 -1.49 -3.87 17.77
CA ALA A 254 -2.23 -3.02 18.70
C ALA A 254 -1.43 -1.79 19.12
N GLY A 255 -0.12 -1.97 19.32
CA GLY A 255 0.74 -0.88 19.82
C GLY A 255 0.97 0.18 18.76
N HIS A 256 0.79 -0.24 17.51
CA HIS A 256 1.03 0.55 16.32
C HIS A 256 -0.27 1.21 15.83
N GLU A 257 -1.28 0.41 15.48
CA GLU A 257 -2.50 0.97 14.87
C GLU A 257 -3.29 1.91 15.81
N THR A 258 -3.55 1.46 17.03
CA THR A 258 -4.39 2.26 17.92
C THR A 258 -3.71 3.61 18.21
N LEU A 259 -2.39 3.57 18.42
CA LEU A 259 -1.65 4.79 18.75
C LEU A 259 -1.53 5.75 17.59
N THR A 260 -1.45 5.22 16.37
CA THR A 260 -1.56 6.06 15.18
C THR A 260 -2.83 6.93 15.17
N SER A 261 -3.97 6.29 15.41
CA SER A 261 -5.25 6.99 15.54
C SER A 261 -5.28 8.01 16.72
N ALA A 262 -4.92 7.56 17.94
CA ALA A 262 -4.97 8.43 19.11
C ALA A 262 -4.13 9.71 18.91
N LEU A 263 -2.93 9.56 18.34
CA LEU A 263 -2.01 10.70 18.17
C LEU A 263 -2.37 11.62 17.01
N SER A 264 -2.90 11.08 15.90
CA SER A 264 -3.46 11.94 14.85
C SER A 264 -4.65 12.71 15.40
N SER A 265 -5.49 12.04 16.20
CA SER A 265 -6.62 12.69 16.87
C SER A 265 -6.16 13.83 17.78
N PHE A 266 -5.12 13.60 18.58
CA PHE A 266 -4.54 14.62 19.47
C PHE A 266 -3.97 15.79 18.66
N CYS A 267 -3.32 15.46 17.54
CA CYS A 267 -2.75 16.47 16.67
C CYS A 267 -3.87 17.24 15.97
N LEU A 268 -4.91 16.51 15.56
CA LEU A 268 -6.08 17.14 15.00
C LEU A 268 -6.73 18.09 16.03
N LEU A 269 -7.10 17.56 17.19
CA LEU A 269 -7.87 18.35 18.18
C LEU A 269 -7.12 19.50 18.88
N LEU A 270 -5.87 19.28 19.20
CA LEU A 270 -5.09 20.34 19.86
C LEU A 270 -4.57 21.28 18.79
N GLY A 271 -4.68 20.85 17.53
CA GLY A 271 -4.49 21.71 16.37
C GLY A 271 -5.57 22.77 16.26
N GLN A 272 -6.82 22.37 16.54
CA GLN A 272 -8.01 23.22 16.44
C GLN A 272 -8.41 23.95 17.74
N HIS A 273 -7.75 23.66 18.85
CA HIS A 273 -8.08 24.28 20.14
C HIS A 273 -6.81 24.76 20.82
N SER A 274 -6.28 25.87 20.32
CA SER A 274 -5.02 26.44 20.77
C SER A 274 -5.05 26.97 22.21
N ASP A 275 -6.24 27.15 22.77
CA ASP A 275 -6.41 27.59 24.14
C ASP A 275 -6.16 26.43 25.06
N ILE A 276 -6.66 25.25 24.67
CA ILE A 276 -6.42 24.01 25.41
C ILE A 276 -4.93 23.65 25.33
N ARG A 277 -4.35 23.83 24.15
CA ARG A 277 -2.93 23.63 23.91
C ARG A 277 -2.05 24.46 24.88
N GLU A 278 -2.43 25.72 25.07
CA GLU A 278 -1.70 26.62 25.97
C GLU A 278 -1.80 26.23 27.45
N ARG A 279 -2.98 25.76 27.87
CA ARG A 279 -3.17 25.31 29.24
C ARG A 279 -2.32 24.10 29.57
N VAL A 280 -2.14 23.22 28.60
CA VAL A 280 -1.22 22.08 28.71
C VAL A 280 0.21 22.59 28.90
N ARG A 281 0.57 23.60 28.10
CA ARG A 281 1.89 24.19 28.12
C ARG A 281 2.15 24.91 29.44
N GLN A 282 1.14 25.60 29.94
CA GLN A 282 1.20 26.31 31.22
C GLN A 282 1.44 25.30 32.36
N GLU A 283 0.87 24.11 32.20
CA GLU A 283 1.03 23.03 33.17
C GLU A 283 2.46 22.52 33.19
N GLN A 284 3.04 22.29 32.02
CA GLN A 284 4.40 21.75 31.92
C GLN A 284 5.47 22.82 32.21
N ASN A 285 5.02 24.06 32.40
CA ASN A 285 5.89 25.19 32.71
C ASN A 285 6.02 25.41 34.22
N LYS A 286 4.94 25.11 34.94
CA LYS A 286 4.95 25.13 36.40
C LYS A 286 5.75 23.95 36.97
N LEU A 287 6.28 23.12 36.06
CA LEU A 287 7.19 22.05 36.44
C LEU A 287 8.60 22.53 36.08
N GLN A 288 9.36 21.66 35.45
CA GLN A 288 10.68 21.99 34.90
C GLN A 288 11.15 20.85 34.01
N LEU A 289 10.84 20.95 32.72
CA LEU A 289 11.41 20.06 31.72
C LEU A 289 12.73 20.63 31.23
N SER A 290 13.47 19.84 30.45
CA SER A 290 14.64 20.28 29.71
C SER A 290 14.71 19.29 28.56
N GLN A 291 15.76 18.48 28.58
CA GLN A 291 15.63 17.14 28.03
C GLN A 291 15.29 16.20 29.19
N GLU A 292 15.66 16.63 30.40
CA GLU A 292 15.32 15.93 31.64
C GLU A 292 13.81 15.74 31.77
N LEU A 293 13.38 14.51 31.48
CA LEU A 293 11.98 14.11 31.59
C LEU A 293 11.89 12.65 32.07
N THR A 294 11.38 12.45 33.28
CA THR A 294 11.26 11.13 33.88
C THR A 294 9.82 10.63 33.93
N ALA A 295 9.66 9.36 34.28
CA ALA A 295 8.34 8.75 34.47
C ALA A 295 7.54 9.44 35.57
N GLU A 296 8.23 9.96 36.58
CA GLU A 296 7.55 10.64 37.68
C GLU A 296 7.13 12.07 37.27
N THR A 297 7.81 12.63 36.28
CA THR A 297 7.45 13.94 35.71
C THR A 297 6.10 13.91 34.97
N LEU A 298 5.91 12.90 34.13
CA LEU A 298 4.66 12.68 33.40
C LEU A 298 3.48 12.37 34.32
N LYS A 299 3.76 11.93 35.55
CA LYS A 299 2.72 11.69 36.56
C LYS A 299 2.29 12.97 37.28
N LYS A 300 2.91 14.09 36.90
CA LYS A 300 2.55 15.42 37.42
C LYS A 300 1.76 16.23 36.39
N MET A 301 0.94 15.56 35.59
CA MET A 301 0.21 16.25 34.52
C MET A 301 -1.28 15.95 34.56
N PRO A 302 -1.98 16.39 35.64
CA PRO A 302 -3.42 16.17 35.78
C PRO A 302 -4.30 16.80 34.69
N TYR A 303 -3.95 18.00 34.22
CA TYR A 303 -4.74 18.62 33.17
C TYR A 303 -4.55 17.91 31.82
N LEU A 304 -3.31 17.52 31.49
CA LEU A 304 -3.05 16.75 30.28
C LEU A 304 -3.81 15.43 30.33
N ASP A 305 -3.79 14.79 31.51
CA ASP A 305 -4.63 13.63 31.76
C ASP A 305 -6.07 13.81 31.28
N GLN A 306 -6.68 14.94 31.64
CA GLN A 306 -8.06 15.28 31.21
C GLN A 306 -8.23 15.40 29.69
N VAL A 307 -7.29 16.09 29.05
CA VAL A 307 -7.31 16.31 27.59
C VAL A 307 -7.27 14.95 26.88
N LEU A 308 -6.45 14.04 27.40
CA LEU A 308 -6.25 12.75 26.75
C LEU A 308 -7.45 11.83 26.93
N GLN A 309 -8.09 11.87 28.10
CA GLN A 309 -9.41 11.24 28.29
C GLN A 309 -10.45 11.74 27.26
N GLU A 310 -10.41 13.05 26.99
CA GLU A 310 -11.38 13.67 26.09
C GLU A 310 -11.10 13.47 24.59
N VAL A 311 -9.82 13.41 24.22
CA VAL A 311 -9.42 12.99 22.85
C VAL A 311 -10.00 11.60 22.56
N LEU A 312 -9.71 10.62 23.42
CA LEU A 312 -10.21 9.24 23.29
C LEU A 312 -11.74 9.15 23.33
N ARG A 313 -12.36 10.10 24.02
CA ARG A 313 -13.81 10.14 24.13
C ARG A 313 -14.36 10.57 22.78
N LEU A 314 -13.92 11.74 22.31
CA LEU A 314 -14.43 12.32 21.07
C LEU A 314 -14.10 11.50 19.83
N ILE A 315 -12.86 11.03 19.73
CA ILE A 315 -12.47 10.20 18.58
C ILE A 315 -11.87 8.87 19.06
N PRO A 316 -12.71 7.86 19.34
CA PRO A 316 -12.16 6.63 19.92
C PRO A 316 -11.39 5.83 18.84
N PRO A 317 -10.15 5.42 19.16
CA PRO A 317 -9.31 4.71 18.15
C PRO A 317 -9.92 3.40 17.69
N VAL A 318 -10.60 2.71 18.61
CA VAL A 318 -11.21 1.39 18.37
C VAL A 318 -12.72 1.60 18.44
N GLY A 319 -13.42 1.26 17.36
CA GLY A 319 -14.85 1.54 17.23
C GLY A 319 -15.76 0.68 18.09
N GLY A 320 -15.35 -0.56 18.33
CA GLY A 320 -16.14 -1.46 19.13
C GLY A 320 -15.60 -2.88 19.08
N GLY A 321 -16.28 -3.77 19.80
CA GLY A 321 -15.93 -5.19 19.89
C GLY A 321 -17.14 -6.04 19.58
N PHE A 322 -16.94 -7.36 19.55
CA PHE A 322 -17.99 -8.32 19.18
C PHE A 322 -18.02 -9.52 20.13
N ARG A 323 -19.23 -10.02 20.39
CA ARG A 323 -19.45 -11.13 21.33
C ARG A 323 -20.48 -12.07 20.71
N GLU A 324 -20.25 -13.37 20.83
CA GLU A 324 -21.28 -14.34 20.51
C GLU A 324 -22.13 -14.58 21.76
N LEU A 325 -23.44 -14.63 21.58
CA LEU A 325 -24.32 -15.05 22.68
C LEU A 325 -24.25 -16.57 22.80
N ILE A 326 -23.83 -17.06 23.97
CA ILE A 326 -23.78 -18.51 24.22
C ILE A 326 -24.96 -18.98 25.07
N GLN A 327 -25.63 -18.01 25.71
CA GLN A 327 -26.95 -18.16 26.29
C GLN A 327 -27.96 -17.32 25.53
N ASP A 328 -29.23 -17.69 25.63
CA ASP A 328 -30.36 -16.91 25.13
C ASP A 328 -30.60 -15.77 26.13
N CYS A 329 -30.79 -14.55 25.64
CA CYS A 329 -30.89 -13.39 26.52
C CYS A 329 -32.00 -12.42 26.10
N GLN A 330 -32.34 -11.49 26.99
CA GLN A 330 -33.21 -10.38 26.64
C GLN A 330 -32.61 -9.07 27.16
N PHE A 331 -32.84 -7.98 26.43
CA PHE A 331 -32.36 -6.67 26.86
C PHE A 331 -33.30 -5.60 26.35
N GLN A 332 -33.72 -4.73 27.26
CA GLN A 332 -34.70 -3.69 26.98
C GLN A 332 -35.81 -4.15 26.04
N GLY A 333 -36.41 -5.28 26.38
CA GLY A 333 -37.57 -5.79 25.66
C GLY A 333 -37.34 -6.61 24.40
N PHE A 334 -36.07 -6.85 24.05
CA PHE A 334 -35.75 -7.67 22.87
C PHE A 334 -35.15 -9.03 23.20
N HIS A 335 -35.50 -10.03 22.40
CA HIS A 335 -34.86 -11.34 22.45
C HIS A 335 -33.48 -11.21 21.77
N PHE A 336 -32.42 -11.51 22.53
CA PHE A 336 -31.06 -11.62 22.01
C PHE A 336 -30.78 -13.12 21.85
N PRO A 337 -30.99 -13.66 20.65
CA PRO A 337 -30.95 -15.12 20.43
C PRO A 337 -29.57 -15.77 20.53
N LYS A 338 -29.53 -16.93 21.19
CA LYS A 338 -28.31 -17.73 21.29
C LYS A 338 -27.61 -17.91 19.93
N GLY A 339 -26.30 -17.67 19.89
CA GLY A 339 -25.52 -17.88 18.66
C GLY A 339 -25.44 -16.69 17.73
N TRP A 340 -26.31 -15.71 17.95
CA TRP A 340 -26.22 -14.44 17.25
C TRP A 340 -25.08 -13.68 17.92
N LEU A 341 -24.56 -12.68 17.22
CA LEU A 341 -23.55 -11.79 17.78
C LEU A 341 -24.13 -10.46 18.27
N VAL A 342 -23.48 -9.90 19.27
CA VAL A 342 -23.74 -8.56 19.75
C VAL A 342 -22.48 -7.76 19.52
N SER A 343 -22.65 -6.52 19.06
CA SER A 343 -21.54 -5.57 18.93
C SER A 343 -21.77 -4.34 19.80
N TYR A 344 -20.80 -4.01 20.64
CA TYR A 344 -20.89 -2.84 21.48
C TYR A 344 -20.12 -1.73 20.80
N GLN A 345 -20.78 -0.60 20.59
CA GLN A 345 -20.23 0.48 19.78
C GLN A 345 -19.77 1.63 20.68
N ILE A 346 -18.46 1.71 20.83
CA ILE A 346 -17.81 2.74 21.65
C ILE A 346 -18.05 4.14 21.02
N SER A 347 -17.95 4.20 19.70
CA SER A 347 -18.22 5.45 18.99
C SER A 347 -19.64 5.98 19.28
N GLN A 348 -20.64 5.11 19.30
CA GLN A 348 -22.02 5.53 19.62
C GLN A 348 -22.16 5.96 21.09
N THR A 349 -21.60 5.19 22.01
CA THR A 349 -21.68 5.51 23.44
C THR A 349 -21.09 6.90 23.72
N HIS A 350 -19.97 7.19 23.06
CA HIS A 350 -19.25 8.45 23.27
C HIS A 350 -19.88 9.65 22.59
N ALA A 351 -20.89 9.38 21.76
CA ALA A 351 -21.66 10.44 21.10
C ALA A 351 -23.04 10.61 21.74
N ASP A 352 -23.32 9.88 22.81
CA ASP A 352 -24.60 10.01 23.51
C ASP A 352 -24.71 11.38 24.18
N PRO A 353 -25.74 12.17 23.81
CA PRO A 353 -25.88 13.53 24.38
C PRO A 353 -26.28 13.58 25.85
N ASP A 354 -26.86 12.50 26.37
CA ASP A 354 -27.16 12.38 27.80
C ASP A 354 -25.89 12.16 28.60
N LEU A 355 -25.02 11.29 28.09
CA LEU A 355 -23.68 11.08 28.63
C LEU A 355 -22.74 12.26 28.39
N TYR A 356 -22.81 12.83 27.19
CA TYR A 356 -21.90 13.90 26.77
C TYR A 356 -22.66 15.08 26.18
N PRO A 357 -23.12 16.00 27.04
CA PRO A 357 -23.84 17.20 26.58
C PRO A 357 -23.05 17.97 25.52
N ASP A 358 -23.69 18.25 24.37
CA ASP A 358 -23.02 18.74 23.16
C ASP A 358 -21.91 17.78 22.77
N PRO A 359 -22.28 16.56 22.32
CA PRO A 359 -21.34 15.45 22.14
C PRO A 359 -20.23 15.75 21.13
N GLU A 360 -20.51 16.69 20.23
CA GLU A 360 -19.61 16.96 19.12
C GLU A 360 -18.47 17.87 19.56
N LYS A 361 -18.57 18.40 20.77
CA LYS A 361 -17.62 19.41 21.26
C LYS A 361 -16.51 18.82 22.09
N PHE A 362 -15.29 19.25 21.80
CA PHE A 362 -14.08 18.85 22.49
C PHE A 362 -13.94 19.67 23.77
N ASP A 363 -14.22 19.03 24.91
CA ASP A 363 -14.18 19.72 26.21
C ASP A 363 -13.56 18.87 27.33
N PRO A 364 -12.26 19.03 27.58
CA PRO A 364 -11.52 18.43 28.69
C PRO A 364 -12.15 18.59 30.10
N GLU A 365 -12.89 19.68 30.33
CA GLU A 365 -13.54 19.98 31.60
C GLU A 365 -14.60 18.95 32.01
N ARG A 366 -14.94 18.00 31.13
CA ARG A 366 -15.85 16.92 31.48
C ARG A 366 -15.17 15.99 32.48
N PHE A 367 -13.84 15.93 32.44
CA PHE A 367 -13.07 15.00 33.26
C PHE A 367 -12.42 15.66 34.49
N THR A 368 -12.66 16.97 34.63
CA THR A 368 -12.31 17.75 35.83
C THR A 368 -13.10 17.19 36.98
N PRO A 369 -12.46 16.97 38.16
CA PRO A 369 -13.03 16.49 39.41
C PRO A 369 -14.57 16.43 39.59
N ASP A 370 -15.28 17.53 39.36
CA ASP A 370 -16.75 17.50 39.53
C ASP A 370 -17.53 17.57 38.23
N GLY A 371 -16.83 17.43 37.11
CA GLY A 371 -17.41 17.60 35.78
C GLY A 371 -18.41 16.52 35.41
N SER A 372 -19.13 16.79 34.32
CA SER A 372 -20.24 15.94 33.88
C SER A 372 -19.91 14.44 33.74
N ALA A 373 -18.69 14.14 33.33
CA ALA A 373 -18.27 12.76 33.05
C ALA A 373 -17.86 11.96 34.29
N THR A 374 -17.65 12.66 35.40
CA THR A 374 -17.19 12.04 36.66
C THR A 374 -18.29 11.34 37.44
N HIS A 375 -19.49 11.92 37.46
CA HIS A 375 -20.62 11.23 38.07
C HIS A 375 -21.63 10.70 37.05
N ASN A 376 -21.15 10.35 35.86
CA ASN A 376 -21.92 9.60 34.86
C ASN A 376 -22.11 8.16 35.39
N PRO A 377 -23.09 7.41 34.83
CA PRO A 377 -23.16 5.98 35.16
C PRO A 377 -21.88 5.23 34.80
N PRO A 378 -21.64 4.05 35.41
CA PRO A 378 -20.53 3.21 34.97
C PRO A 378 -20.62 2.86 33.49
N PHE A 379 -19.46 2.69 32.84
CA PHE A 379 -19.39 2.22 31.43
C PHE A 379 -19.84 3.26 30.41
N ALA A 380 -19.64 4.52 30.78
CA ALA A 380 -20.02 5.67 29.96
C ALA A 380 -18.84 6.14 29.07
N HIS A 381 -17.63 5.98 29.59
CA HIS A 381 -16.40 6.28 28.89
C HIS A 381 -15.69 4.92 28.78
N VAL A 382 -15.74 4.34 27.59
CA VAL A 382 -15.20 3.01 27.34
C VAL A 382 -14.25 2.91 26.12
N PRO A 383 -13.23 3.79 26.05
CA PRO A 383 -12.25 3.78 24.94
C PRO A 383 -11.39 2.49 24.94
N PHE A 384 -11.25 1.85 26.11
CA PHE A 384 -10.49 0.60 26.26
C PHE A 384 -11.40 -0.61 26.53
N GLY A 385 -12.70 -0.45 26.32
CA GLY A 385 -13.66 -1.50 26.59
C GLY A 385 -13.92 -1.67 28.08
N GLY A 386 -14.23 -2.89 28.48
CA GLY A 386 -14.45 -3.21 29.88
C GLY A 386 -14.62 -4.70 30.04
N GLY A 387 -14.92 -5.11 31.27
CA GLY A 387 -15.06 -6.53 31.64
C GLY A 387 -13.84 -7.41 31.38
N LEU A 388 -14.10 -8.62 30.88
CA LEU A 388 -13.06 -9.63 30.68
C LEU A 388 -12.02 -9.38 29.58
N ARG A 389 -12.34 -8.50 28.63
CA ARG A 389 -11.51 -8.27 27.47
C ARG A 389 -10.94 -6.86 27.43
N GLU A 390 -11.15 -6.11 28.51
CA GLU A 390 -10.63 -4.75 28.62
C GLU A 390 -9.18 -4.66 28.18
N CYS A 391 -8.88 -3.69 27.33
CA CYS A 391 -7.53 -3.49 26.80
C CYS A 391 -6.46 -3.79 27.84
N LEU A 392 -5.51 -4.61 27.42
CA LEU A 392 -4.42 -5.07 28.24
C LEU A 392 -3.25 -4.08 28.17
N GLY A 393 -3.23 -3.28 27.11
CA GLY A 393 -2.11 -2.38 26.85
C GLY A 393 -2.40 -0.93 27.12
N LYS A 394 -3.50 -0.66 27.81
CA LYS A 394 -3.98 0.73 28.02
C LYS A 394 -2.93 1.71 28.60
N GLU A 395 -2.07 1.23 29.49
CA GLU A 395 -1.06 2.09 30.11
C GLU A 395 0.18 2.30 29.25
N PHE A 396 0.52 1.34 28.41
CA PHE A 396 1.45 1.58 27.31
C PHE A 396 0.94 2.70 26.39
N ALA A 397 -0.34 2.62 26.01
CA ALA A 397 -1.00 3.64 25.20
C ALA A 397 -0.93 5.01 25.86
N ARG A 398 -1.29 5.08 27.15
CA ARG A 398 -1.36 6.35 27.88
C ARG A 398 0.00 6.97 28.07
N LEU A 399 0.99 6.11 28.36
CA LEU A 399 2.40 6.50 28.38
C LEU A 399 2.83 7.20 27.09
N GLU A 400 2.61 6.55 25.94
CA GLU A 400 3.06 7.09 24.67
C GLU A 400 2.31 8.37 24.28
N MET A 401 1.02 8.42 24.58
CA MET A 401 0.21 9.61 24.34
C MET A 401 0.73 10.79 25.18
N LYS A 402 1.03 10.51 26.45
CA LYS A 402 1.45 11.58 27.37
C LYS A 402 2.82 12.11 27.01
N LEU A 403 3.80 11.22 26.82
CA LEU A 403 5.14 11.64 26.36
C LEU A 403 5.09 12.44 25.06
N PHE A 404 4.37 11.94 24.06
CA PHE A 404 4.28 12.63 22.76
C PHE A 404 3.63 14.01 22.89
N ALA A 405 2.51 14.04 23.60
CA ALA A 405 1.78 15.27 23.85
C ALA A 405 2.73 16.29 24.50
N THR A 406 3.53 15.81 25.45
CA THR A 406 4.43 16.64 26.22
C THR A 406 5.56 17.21 25.37
N ARG A 407 6.28 16.34 24.68
CA ARG A 407 7.38 16.79 23.81
C ARG A 407 6.95 17.67 22.65
N LEU A 408 5.77 17.41 22.10
CA LEU A 408 5.26 18.19 20.98
C LEU A 408 4.86 19.60 21.42
N ILE A 409 4.13 19.70 22.52
CA ILE A 409 3.69 21.01 23.00
C ILE A 409 4.83 21.86 23.58
N GLN A 410 5.79 21.24 24.26
CA GLN A 410 6.93 22.00 24.81
C GLN A 410 7.81 22.63 23.72
N GLN A 411 7.90 21.97 22.57
CA GLN A 411 8.76 22.45 21.48
C GLN A 411 8.04 23.20 20.36
N PHE A 412 6.78 22.86 20.08
CA PHE A 412 6.11 23.44 18.91
C PHE A 412 4.69 23.92 19.14
N ASP A 413 4.32 24.97 18.41
CA ASP A 413 2.95 25.21 18.02
C ASP A 413 2.79 24.62 16.63
N TRP A 414 1.54 24.40 16.22
CA TRP A 414 1.28 23.96 14.86
C TRP A 414 -0.04 24.46 14.30
N THR A 415 -0.07 24.52 12.97
CA THR A 415 -1.21 25.00 12.23
C THR A 415 -1.66 23.92 11.27
N LEU A 416 -2.97 23.65 11.32
CA LEU A 416 -3.63 22.79 10.36
C LEU A 416 -3.94 23.59 9.09
N LEU A 417 -3.25 23.28 8.01
CA LEU A 417 -3.35 24.05 6.77
C LEU A 417 -4.79 24.21 6.26
N PRO A 418 -5.10 25.42 5.78
CA PRO A 418 -6.44 25.70 5.25
C PRO A 418 -6.73 24.90 4.00
N GLY A 419 -8.01 24.66 3.74
CA GLY A 419 -8.44 23.85 2.62
C GLY A 419 -7.81 22.47 2.61
N GLN A 420 -8.12 21.67 3.62
CA GLN A 420 -7.93 20.20 3.55
C GLN A 420 -9.20 19.55 4.08
N ASN A 421 -9.37 18.27 3.76
CA ASN A 421 -10.45 17.48 4.34
C ASN A 421 -10.00 16.86 5.69
N LEU A 422 -10.59 17.33 6.78
CA LEU A 422 -10.29 16.84 8.13
C LEU A 422 -11.30 15.77 8.52
N GLU A 423 -12.17 15.43 7.57
CA GLU A 423 -13.20 14.40 7.78
C GLU A 423 -12.56 13.05 8.07
N LEU A 424 -13.21 12.29 8.96
CA LEU A 424 -12.59 11.09 9.51
C LEU A 424 -13.07 9.81 8.81
N VAL A 425 -12.11 9.03 8.31
CA VAL A 425 -12.41 7.71 7.75
C VAL A 425 -11.85 6.66 8.70
N VAL A 426 -12.44 5.46 8.67
CA VAL A 426 -12.12 4.40 9.61
C VAL A 426 -11.78 3.07 8.89
N THR A 427 -10.52 2.90 8.48
CA THR A 427 -10.08 1.65 7.83
C THR A 427 -8.78 1.04 8.42
N PRO A 428 -8.85 0.48 9.63
CA PRO A 428 -9.99 0.29 10.50
C PRO A 428 -10.04 1.23 11.73
N SER A 429 -9.26 2.31 11.73
CA SER A 429 -9.21 3.31 12.81
C SER A 429 -9.42 4.72 12.28
N PRO A 430 -10.05 5.61 13.08
CA PRO A 430 -10.21 7.01 12.61
C PRO A 430 -8.92 7.68 12.13
N ARG A 431 -8.97 8.27 10.93
CA ARG A 431 -7.89 9.10 10.38
C ARG A 431 -8.52 10.23 9.57
N PRO A 432 -7.88 11.42 9.54
CA PRO A 432 -8.37 12.50 8.68
C PRO A 432 -8.15 12.16 7.19
N LYS A 433 -9.16 12.38 6.36
CA LYS A 433 -9.09 12.00 4.93
C LYS A 433 -7.85 12.54 4.19
N ASP A 434 -7.52 13.81 4.38
CA ASP A 434 -6.35 14.43 3.75
C ASP A 434 -5.04 14.32 4.53
N ASN A 435 -4.95 13.31 5.41
CA ASN A 435 -3.70 12.93 6.09
C ASN A 435 -3.02 13.98 6.97
N LEU A 436 -3.78 14.98 7.41
CA LEU A 436 -3.35 15.96 8.41
C LEU A 436 -2.17 16.80 7.98
N ARG A 437 -2.44 17.79 7.13
CA ARG A 437 -1.39 18.66 6.63
C ARG A 437 -1.19 19.78 7.63
N VAL A 438 0.05 19.92 8.09
CA VAL A 438 0.42 20.89 9.14
C VAL A 438 1.71 21.64 8.81
N LYS A 439 1.94 22.75 9.50
CA LYS A 439 3.25 23.34 9.62
C LYS A 439 3.51 23.44 11.11
N LEU A 440 4.68 22.99 11.55
CA LEU A 440 5.09 23.18 12.94
C LEU A 440 5.89 24.48 13.06
N HIS A 441 5.62 25.23 14.11
CA HIS A 441 6.43 26.42 14.41
C HIS A 441 7.18 26.18 15.70
N SER A 442 8.51 26.26 15.63
CA SER A 442 9.39 26.04 16.77
C SER A 442 9.30 27.14 17.83
N LEU A 443 9.39 26.73 19.10
CA LEU A 443 9.35 27.64 20.23
C LEU A 443 10.72 27.80 20.87
N SER B 10 -19.16 -15.83 -41.44
CA SER B 10 -19.63 -17.25 -41.51
C SER B 10 -18.62 -18.22 -40.89
N LEU B 11 -17.33 -17.84 -40.91
CA LEU B 11 -16.24 -18.68 -40.41
C LEU B 11 -16.36 -18.96 -38.92
N PRO B 12 -15.58 -19.93 -38.40
CA PRO B 12 -15.66 -20.19 -36.96
C PRO B 12 -14.92 -19.15 -36.12
N ILE B 13 -15.37 -18.97 -34.89
CA ILE B 13 -14.66 -18.17 -33.90
C ILE B 13 -13.54 -19.04 -33.33
N PRO B 14 -12.42 -18.42 -32.87
CA PRO B 14 -11.35 -19.17 -32.20
C PRO B 14 -11.82 -20.04 -31.02
N PRO B 15 -11.08 -21.11 -30.68
CA PRO B 15 -11.42 -21.91 -29.50
C PRO B 15 -11.04 -21.17 -28.23
N GLY B 16 -11.50 -21.66 -27.09
CA GLY B 16 -11.25 -21.01 -25.81
C GLY B 16 -12.48 -20.87 -24.92
N ASP B 17 -12.24 -20.78 -23.61
CA ASP B 17 -13.30 -20.67 -22.63
C ASP B 17 -13.58 -19.22 -22.25
N PHE B 18 -14.86 -18.87 -22.25
CA PHE B 18 -15.28 -17.60 -21.71
C PHE B 18 -15.24 -17.63 -20.19
N GLY B 19 -15.86 -18.65 -19.58
CA GLY B 19 -16.03 -18.68 -18.14
C GLY B 19 -17.25 -17.86 -17.75
N LEU B 20 -17.21 -17.22 -16.59
CA LEU B 20 -18.38 -16.51 -16.03
C LEU B 20 -18.70 -15.18 -16.74
N PRO B 21 -19.98 -14.75 -16.67
CA PRO B 21 -20.37 -13.43 -17.17
C PRO B 21 -19.58 -12.28 -16.55
N TRP B 22 -19.13 -11.37 -17.41
CA TRP B 22 -18.25 -10.24 -17.05
C TRP B 22 -16.84 -10.68 -16.63
N LEU B 23 -16.75 -11.27 -15.44
CA LEU B 23 -15.49 -11.79 -14.87
C LEU B 23 -14.66 -12.65 -15.84
N GLY B 24 -15.33 -13.55 -16.57
CA GLY B 24 -14.66 -14.51 -17.45
C GLY B 24 -13.48 -15.20 -16.80
N GLU B 25 -12.31 -15.09 -17.44
CA GLU B 25 -11.05 -15.64 -16.95
C GLU B 25 -10.08 -14.56 -16.46
N THR B 26 -10.65 -13.47 -15.90
CA THR B 26 -9.85 -12.32 -15.45
C THR B 26 -8.86 -12.68 -14.33
N LEU B 27 -9.33 -13.42 -13.34
CA LEU B 27 -8.51 -13.78 -12.19
C LEU B 27 -7.36 -14.64 -12.64
N ASN B 28 -7.65 -15.51 -13.59
CA ASN B 28 -6.62 -16.32 -14.25
C ASN B 28 -5.60 -15.43 -14.95
N PHE B 29 -6.07 -14.35 -15.56
CA PHE B 29 -5.21 -13.39 -16.26
C PHE B 29 -4.37 -12.58 -15.26
N LEU B 30 -5.00 -12.17 -14.17
CA LEU B 30 -4.32 -11.42 -13.11
C LEU B 30 -3.39 -12.29 -12.26
N ASN B 31 -3.88 -13.45 -11.80
CA ASN B 31 -3.16 -14.25 -10.79
C ASN B 31 -2.25 -15.35 -11.30
N ASP B 32 -2.71 -16.20 -12.21
CA ASP B 32 -1.85 -17.26 -12.75
C ASP B 32 -0.75 -16.59 -13.58
N GLY B 33 0.49 -17.09 -13.47
CA GLY B 33 1.57 -16.59 -14.31
C GLY B 33 1.73 -17.42 -15.58
N ASP B 34 0.72 -18.24 -15.83
CA ASP B 34 0.77 -19.32 -16.82
C ASP B 34 -0.18 -19.04 -17.99
N PHE B 35 -0.97 -17.99 -17.85
CA PHE B 35 -2.19 -17.76 -18.62
C PHE B 35 -2.12 -18.09 -20.12
N GLY B 36 -1.10 -17.55 -20.78
CA GLY B 36 -0.93 -17.70 -22.22
C GLY B 36 -0.45 -19.07 -22.65
N LYS B 37 0.64 -19.54 -22.03
CA LYS B 37 1.20 -20.87 -22.29
C LYS B 37 0.14 -21.97 -22.19
N LYS B 38 -0.68 -21.91 -21.13
CA LYS B 38 -1.79 -22.86 -20.92
C LYS B 38 -2.79 -22.90 -22.08
N ARG B 39 -3.28 -21.74 -22.46
CA ARG B 39 -4.32 -21.63 -23.46
C ARG B 39 -3.83 -21.87 -24.89
N GLN B 40 -2.54 -21.65 -25.11
CA GLN B 40 -1.88 -22.06 -26.34
C GLN B 40 -1.71 -23.59 -26.39
N GLN B 41 -1.35 -24.18 -25.24
CA GLN B 41 -1.24 -25.64 -25.09
C GLN B 41 -2.59 -26.33 -25.29
N GLN B 42 -3.61 -25.82 -24.60
CA GLN B 42 -4.96 -26.37 -24.67
C GLN B 42 -5.74 -26.05 -25.96
N PHE B 43 -5.53 -24.86 -26.53
CA PHE B 43 -6.38 -24.40 -27.65
C PHE B 43 -5.68 -24.11 -28.99
N GLY B 44 -4.36 -23.87 -28.94
CA GLY B 44 -3.62 -23.44 -30.14
C GLY B 44 -3.30 -21.95 -30.12
N PRO B 45 -2.52 -21.48 -31.11
CA PRO B 45 -1.91 -20.13 -31.14
C PRO B 45 -2.89 -18.96 -31.15
N ILE B 46 -4.14 -19.23 -31.55
CA ILE B 46 -5.19 -18.21 -31.58
C ILE B 46 -6.36 -18.64 -30.70
N PHE B 47 -6.49 -18.02 -29.53
CA PHE B 47 -7.50 -18.42 -28.55
C PHE B 47 -8.37 -17.28 -28.04
N LYS B 48 -9.63 -17.58 -27.77
CA LYS B 48 -10.52 -16.61 -27.15
C LYS B 48 -10.65 -16.85 -25.64
N THR B 49 -10.85 -15.75 -24.94
CA THR B 49 -11.12 -15.74 -23.50
C THR B 49 -12.02 -14.56 -23.21
N ARG B 50 -12.28 -14.31 -21.93
CA ARG B 50 -13.06 -13.15 -21.51
C ARG B 50 -12.43 -12.48 -20.29
N LEU B 51 -12.12 -11.20 -20.43
CA LEU B 51 -11.46 -10.44 -19.39
C LEU B 51 -12.15 -9.10 -19.23
N PHE B 52 -12.23 -8.65 -17.99
CA PHE B 52 -12.81 -7.34 -17.63
C PHE B 52 -14.08 -7.00 -18.40
N GLY B 53 -14.96 -7.98 -18.55
CA GLY B 53 -16.22 -7.79 -19.24
C GLY B 53 -16.19 -7.87 -20.76
N LYS B 54 -15.02 -8.11 -21.34
CA LYS B 54 -14.88 -8.13 -22.80
C LYS B 54 -14.51 -9.51 -23.35
N ASN B 55 -15.12 -9.89 -24.47
CA ASN B 55 -14.60 -11.03 -25.21
C ASN B 55 -13.31 -10.61 -25.89
N VAL B 56 -12.26 -11.38 -25.65
CA VAL B 56 -10.93 -11.07 -26.15
C VAL B 56 -10.34 -12.27 -26.90
N ILE B 57 -9.75 -12.01 -28.06
CA ILE B 57 -8.95 -13.00 -28.76
C ILE B 57 -7.47 -12.69 -28.53
N PHE B 58 -6.71 -13.69 -28.12
CA PHE B 58 -5.27 -13.58 -27.98
C PHE B 58 -4.54 -14.15 -29.19
N ILE B 59 -3.63 -13.36 -29.77
CA ILE B 59 -2.76 -13.79 -30.85
C ILE B 59 -1.30 -13.41 -30.57
N SER B 60 -0.37 -14.12 -31.22
CA SER B 60 1.06 -13.88 -31.06
C SER B 60 1.84 -14.40 -32.27
N GLY B 61 3.10 -14.03 -32.38
CA GLY B 61 3.89 -14.40 -33.54
C GLY B 61 4.08 -13.23 -34.49
N ALA B 62 4.97 -13.42 -35.46
CA ALA B 62 5.29 -12.35 -36.41
C ALA B 62 4.14 -12.03 -37.37
N LEU B 63 3.42 -13.07 -37.83
CA LEU B 63 2.27 -12.89 -38.70
C LEU B 63 1.12 -12.16 -37.97
N ALA B 64 0.85 -12.59 -36.73
CA ALA B 64 -0.16 -11.96 -35.87
C ALA B 64 0.11 -10.47 -35.64
N ASN B 65 1.35 -10.17 -35.22
CA ASN B 65 1.76 -8.79 -34.95
C ASN B 65 1.71 -7.92 -36.19
N ARG B 66 2.04 -8.49 -37.35
CA ARG B 66 1.90 -7.80 -38.64
C ARG B 66 0.45 -7.42 -38.90
N PHE B 67 -0.46 -8.31 -38.51
CA PHE B 67 -1.90 -8.11 -38.63
C PHE B 67 -2.37 -7.00 -37.69
N LEU B 68 -1.83 -6.98 -36.48
CA LEU B 68 -2.17 -5.95 -35.51
C LEU B 68 -1.61 -4.57 -35.85
N PHE B 69 -0.41 -4.53 -36.43
CA PHE B 69 0.31 -3.26 -36.61
C PHE B 69 0.33 -2.72 -38.05
N THR B 70 -0.61 -3.19 -38.87
CA THR B 70 -0.76 -2.76 -40.27
C THR B 70 -2.24 -2.50 -40.59
N LYS B 71 -2.51 -1.51 -41.45
CA LYS B 71 -3.88 -1.08 -41.79
C LYS B 71 -4.67 -0.88 -40.50
N GLU B 72 -4.10 -0.03 -39.64
CA GLU B 72 -4.44 0.01 -38.23
C GLU B 72 -5.64 0.91 -37.93
N GLN B 73 -5.68 2.06 -38.60
CA GLN B 73 -6.75 3.05 -38.38
C GLN B 73 -8.11 2.51 -38.81
N GLU B 74 -8.13 1.73 -39.89
CA GLU B 74 -9.39 1.20 -40.43
C GLU B 74 -9.91 -0.03 -39.69
N THR B 75 -9.10 -0.62 -38.81
CA THR B 75 -9.49 -1.89 -38.19
C THR B 75 -9.40 -1.92 -36.66
N PHE B 76 -8.42 -1.22 -36.08
CA PHE B 76 -8.13 -1.32 -34.64
C PHE B 76 -8.12 -0.01 -33.88
N GLN B 77 -9.01 0.08 -32.90
CA GLN B 77 -9.06 1.18 -31.95
C GLN B 77 -8.39 0.71 -30.64
N ALA B 78 -7.27 1.34 -30.28
CA ALA B 78 -6.55 1.00 -29.05
C ALA B 78 -7.38 1.18 -27.78
N THR B 79 -7.16 0.30 -26.81
CA THR B 79 -7.92 0.30 -25.56
C THR B 79 -7.12 -0.37 -24.43
N TRP B 80 -7.65 -0.23 -23.21
CA TRP B 80 -7.13 -0.90 -22.03
C TRP B 80 -8.31 -1.44 -21.20
N PRO B 81 -8.07 -2.39 -20.28
CA PRO B 81 -9.13 -2.84 -19.36
C PRO B 81 -9.76 -1.69 -18.58
N LEU B 82 -11.01 -1.86 -18.15
CA LEU B 82 -11.77 -0.78 -17.48
C LEU B 82 -11.02 -0.11 -16.32
N SER B 83 -10.43 -0.92 -15.45
CA SER B 83 -9.74 -0.40 -14.26
C SER B 83 -8.54 0.46 -14.67
N THR B 84 -7.85 0.04 -15.74
CA THR B 84 -6.74 0.77 -16.31
C THR B 84 -7.20 2.13 -16.86
N ARG B 85 -8.29 2.12 -17.63
CA ARG B 85 -8.85 3.31 -18.26
C ARG B 85 -9.30 4.35 -17.23
N ILE B 86 -9.89 3.85 -16.13
CA ILE B 86 -10.36 4.72 -15.05
C ILE B 86 -9.16 5.46 -14.47
N LEU B 87 -8.12 4.70 -14.13
CA LEU B 87 -6.99 5.23 -13.40
C LEU B 87 -6.05 6.06 -14.27
N LEU B 88 -6.03 5.80 -15.57
CA LEU B 88 -5.25 6.61 -16.51
C LEU B 88 -5.89 7.99 -16.67
N GLY B 89 -7.22 8.00 -16.71
CA GLY B 89 -7.97 9.24 -16.99
C GLY B 89 -8.20 9.36 -18.49
N PRO B 90 -9.29 10.05 -18.88
CA PRO B 90 -9.65 10.11 -20.29
C PRO B 90 -8.80 11.06 -21.13
N ASN B 91 -7.88 11.79 -20.49
CA ASN B 91 -7.02 12.79 -21.16
C ASN B 91 -5.53 12.46 -21.15
N ALA B 92 -5.19 11.18 -21.14
CA ALA B 92 -3.79 10.73 -21.21
C ALA B 92 -3.51 10.16 -22.59
N LEU B 93 -2.25 10.22 -23.03
CA LEU B 93 -1.92 9.69 -24.36
C LEU B 93 -2.54 8.30 -24.58
N ALA B 94 -2.35 7.41 -23.61
CA ALA B 94 -2.83 6.01 -23.66
C ALA B 94 -4.34 5.81 -23.84
N THR B 95 -5.14 6.79 -23.44
CA THR B 95 -6.62 6.69 -23.54
C THR B 95 -7.20 7.58 -24.63
N GLN B 96 -6.35 8.43 -25.22
CA GLN B 96 -6.78 9.32 -26.30
C GLN B 96 -6.77 8.60 -27.66
N MET B 97 -7.59 9.10 -28.59
CA MET B 97 -7.92 8.38 -29.83
C MET B 97 -7.79 9.24 -31.08
N GLY B 98 -7.59 8.57 -32.22
CA GLY B 98 -7.51 9.21 -33.53
C GLY B 98 -6.75 10.52 -33.60
N GLU B 99 -7.50 11.57 -33.95
CA GLU B 99 -6.98 12.90 -34.21
C GLU B 99 -6.25 13.51 -33.01
N ILE B 100 -6.83 13.34 -31.82
CA ILE B 100 -6.22 13.82 -30.58
C ILE B 100 -4.92 13.07 -30.29
N HIS B 101 -4.99 11.73 -30.33
CA HIS B 101 -3.80 10.90 -30.17
C HIS B 101 -2.68 11.38 -31.10
N ARG B 102 -2.99 11.52 -32.39
CA ARG B 102 -2.05 12.07 -33.40
C ARG B 102 -1.33 13.33 -32.93
N SER B 103 -2.12 14.34 -32.53
CA SER B 103 -1.54 15.61 -32.08
C SER B 103 -0.68 15.44 -30.84
N ARG B 104 -1.17 14.69 -29.86
CA ARG B 104 -0.44 14.53 -28.59
C ARG B 104 0.85 13.74 -28.79
N ARG B 105 0.81 12.75 -29.67
CA ARG B 105 2.01 12.04 -30.16
C ARG B 105 3.07 13.02 -30.63
N LYS B 106 2.66 13.98 -31.47
CA LYS B 106 3.57 14.97 -32.06
C LYS B 106 4.14 15.88 -30.97
N ILE B 107 3.27 16.30 -30.05
CA ILE B 107 3.63 17.17 -28.93
C ILE B 107 4.59 16.47 -27.98
N LEU B 108 4.22 15.29 -27.50
CA LEU B 108 5.00 14.57 -26.49
C LEU B 108 6.39 14.18 -26.99
N TYR B 109 6.50 13.92 -28.29
CA TYR B 109 7.77 13.53 -28.91
C TYR B 109 8.92 14.52 -28.65
N GLN B 110 8.59 15.81 -28.54
CA GLN B 110 9.56 16.86 -28.22
C GLN B 110 10.37 16.60 -26.95
N ALA B 111 9.79 15.86 -26.01
CA ALA B 111 10.53 15.44 -24.80
C ALA B 111 11.57 14.33 -25.07
N PHE B 112 11.45 13.64 -26.20
CA PHE B 112 12.31 12.48 -26.51
C PHE B 112 13.14 12.60 -27.79
N LEU B 113 13.33 13.83 -28.28
CA LEU B 113 14.24 14.10 -29.41
C LEU B 113 15.67 13.73 -29.05
N PRO B 114 16.44 13.14 -29.99
CA PRO B 114 17.82 12.74 -29.66
C PRO B 114 18.60 13.80 -28.89
N ARG B 115 18.53 15.04 -29.37
CA ARG B 115 19.19 16.20 -28.77
C ARG B 115 18.70 16.45 -27.34
N THR B 116 17.39 16.34 -27.14
CA THR B 116 16.80 16.51 -25.82
C THR B 116 17.21 15.35 -24.87
N LEU B 117 17.21 14.12 -25.36
CA LEU B 117 17.70 12.98 -24.57
C LEU B 117 19.17 13.17 -24.16
N ASP B 118 20.00 13.69 -25.08
CA ASP B 118 21.40 13.97 -24.79
C ASP B 118 21.53 14.90 -23.57
N SER B 119 20.67 15.93 -23.53
CA SER B 119 20.63 16.91 -22.43
C SER B 119 20.24 16.34 -21.06
N TYR B 120 19.52 15.21 -21.03
CA TYR B 120 19.12 14.59 -19.76
C TYR B 120 20.25 13.85 -19.02
N LEU B 121 21.32 13.52 -19.74
CA LEU B 121 22.42 12.70 -19.24
C LEU B 121 23.11 13.13 -17.93
N PRO B 122 23.53 14.41 -17.81
CA PRO B 122 24.19 14.85 -16.58
C PRO B 122 23.36 14.65 -15.31
N LYS B 123 22.10 15.08 -15.33
CA LYS B 123 21.19 14.86 -14.22
C LYS B 123 20.96 13.37 -13.94
N MET B 124 20.72 12.58 -14.99
CA MET B 124 20.45 11.15 -14.87
C MET B 124 21.62 10.39 -14.25
N ASP B 125 22.82 10.65 -14.78
CA ASP B 125 24.06 10.08 -14.26
C ASP B 125 24.29 10.52 -12.81
N GLY B 126 23.95 11.78 -12.50
CA GLY B 126 23.99 12.30 -11.13
C GLY B 126 23.21 11.40 -10.18
N ILE B 127 21.97 11.08 -10.56
CA ILE B 127 21.08 10.28 -9.71
C ILE B 127 21.54 8.82 -9.59
N VAL B 128 21.83 8.20 -10.73
CA VAL B 128 22.28 6.80 -10.79
C VAL B 128 23.52 6.59 -9.93
N GLN B 129 24.51 7.48 -10.09
CA GLN B 129 25.77 7.40 -9.35
C GLN B 129 25.58 7.54 -7.84
N GLY B 130 24.58 8.30 -7.43
CA GLY B 130 24.27 8.48 -6.01
C GLY B 130 23.71 7.22 -5.39
N TYR B 131 22.84 6.53 -6.13
CA TYR B 131 22.27 5.28 -5.67
C TYR B 131 23.31 4.15 -5.56
N LEU B 132 24.15 4.02 -6.58
CA LEU B 132 25.20 3.01 -6.57
C LEU B 132 26.14 3.18 -5.37
N GLU B 133 26.61 4.41 -5.18
CA GLU B 133 27.44 4.77 -4.03
C GLU B 133 26.81 4.29 -2.72
N GLN B 134 25.52 4.57 -2.55
CA GLN B 134 24.75 4.11 -1.41
C GLN B 134 24.74 2.57 -1.33
N TRP B 135 24.37 1.92 -2.43
CA TRP B 135 24.31 0.47 -2.50
C TRP B 135 25.65 -0.23 -2.23
N GLY B 136 26.75 0.45 -2.54
CA GLY B 136 28.08 -0.10 -2.27
C GLY B 136 28.42 -0.14 -0.79
N LYS B 137 27.87 0.82 -0.03
CA LYS B 137 28.07 0.95 1.41
C LYS B 137 27.27 -0.09 2.18
N ALA B 138 26.13 -0.48 1.64
CA ALA B 138 25.27 -1.48 2.26
C ALA B 138 25.89 -2.88 2.14
N ASN B 139 25.39 -3.82 2.94
CA ASN B 139 25.87 -5.19 2.94
C ASN B 139 25.03 -6.07 2.01
N GLU B 140 23.79 -6.38 2.43
CA GLU B 140 22.82 -7.01 1.55
C GLU B 140 21.93 -5.92 0.97
N VAL B 141 21.58 -6.05 -0.31
CA VAL B 141 20.72 -5.07 -0.96
C VAL B 141 19.47 -5.75 -1.51
N ILE B 142 18.31 -5.25 -1.12
CA ILE B 142 17.03 -5.73 -1.65
C ILE B 142 16.65 -4.84 -2.84
N TRP B 143 17.03 -5.29 -4.03
CA TRP B 143 17.20 -4.39 -5.18
C TRP B 143 15.96 -3.82 -5.86
N TYR B 144 14.88 -4.58 -5.95
CA TYR B 144 13.70 -4.10 -6.67
C TYR B 144 13.14 -2.78 -6.11
N PRO B 145 12.83 -2.72 -4.80
CA PRO B 145 12.21 -1.50 -4.31
C PRO B 145 13.20 -0.32 -4.34
N GLN B 146 14.49 -0.63 -4.29
CA GLN B 146 15.56 0.37 -4.44
C GLN B 146 15.72 0.90 -5.87
N LEU B 147 15.66 -0.01 -6.84
CA LEU B 147 15.62 0.37 -8.25
C LEU B 147 14.37 1.22 -8.51
N ARG B 148 13.25 0.83 -7.91
CA ARG B 148 12.01 1.58 -8.03
C ARG B 148 12.19 3.04 -7.62
N ARG B 149 12.85 3.24 -6.48
CA ARG B 149 13.15 4.58 -5.97
C ARG B 149 14.03 5.37 -6.91
N MET B 150 15.04 4.71 -7.49
CA MET B 150 15.98 5.41 -8.36
C MET B 150 15.34 5.84 -9.67
N THR B 151 14.56 4.94 -10.27
CA THR B 151 13.93 5.22 -11.54
C THR B 151 12.90 6.32 -11.38
N PHE B 152 12.17 6.28 -10.27
CA PHE B 152 11.17 7.31 -9.97
C PHE B 152 11.83 8.68 -9.86
N ASP B 153 12.97 8.72 -9.16
CA ASP B 153 13.81 9.90 -9.03
C ASP B 153 14.21 10.51 -10.37
N VAL B 154 14.64 9.64 -11.29
CA VAL B 154 15.04 10.07 -12.62
C VAL B 154 13.86 10.70 -13.32
N ALA B 155 12.73 9.99 -13.32
CA ALA B 155 11.50 10.39 -13.98
C ALA B 155 10.98 11.74 -13.49
N ALA B 156 10.96 11.90 -12.16
CA ALA B 156 10.38 13.11 -11.54
C ALA B 156 11.28 14.30 -11.79
N THR B 157 12.59 14.08 -11.71
CA THR B 157 13.56 15.13 -12.02
C THR B 157 13.48 15.54 -13.49
N LEU B 158 13.50 14.55 -14.37
CA LEU B 158 13.64 14.85 -15.81
C LEU B 158 12.39 15.40 -16.48
N PHE B 159 11.21 14.93 -16.05
CA PHE B 159 9.95 15.32 -16.70
C PHE B 159 9.27 16.54 -16.08
N MET B 160 9.66 16.90 -14.86
CA MET B 160 8.85 17.79 -14.04
C MET B 160 9.72 18.70 -13.17
N GLY B 161 11.01 18.38 -13.08
CA GLY B 161 11.98 19.17 -12.32
C GLY B 161 11.90 19.07 -10.80
N GLU B 162 11.15 18.09 -10.29
CA GLU B 162 10.87 17.99 -8.85
C GLU B 162 11.70 16.94 -8.09
N LYS B 163 12.20 17.33 -6.92
CA LYS B 163 12.88 16.40 -6.02
C LYS B 163 11.91 15.85 -4.98
N ASN B 167 9.30 15.89 -1.93
CA ASN B 167 7.89 15.59 -1.70
C ASN B 167 7.61 14.10 -1.45
N PRO B 168 7.79 13.67 -0.19
CA PRO B 168 7.89 12.27 0.26
C PRO B 168 6.69 11.36 -0.01
N GLN B 169 5.54 11.93 -0.37
CA GLN B 169 4.32 11.13 -0.53
C GLN B 169 3.98 10.71 -1.96
N LEU B 170 4.58 11.35 -2.97
CA LEU B 170 4.34 10.95 -4.37
C LEU B 170 4.69 9.49 -4.65
N PHE B 171 5.86 9.07 -4.18
CA PHE B 171 6.35 7.70 -4.39
C PHE B 171 5.42 6.63 -3.79
N PRO B 172 5.11 6.72 -2.47
CA PRO B 172 4.17 5.75 -1.90
C PRO B 172 2.77 5.77 -2.52
N TRP B 173 2.30 6.95 -2.94
CA TRP B 173 0.99 7.06 -3.58
C TRP B 173 0.98 6.45 -4.97
N PHE B 174 2.13 6.51 -5.65
CA PHE B 174 2.28 5.83 -6.93
C PHE B 174 2.21 4.32 -6.82
N GLU B 175 2.78 3.78 -5.72
CA GLU B 175 2.79 2.33 -5.48
C GLU B 175 1.38 1.78 -5.42
N THR B 176 0.58 2.36 -4.52
CA THR B 176 -0.84 2.12 -4.40
C THR B 176 -1.62 2.25 -5.70
N TYR B 177 -1.40 3.39 -6.38
CA TYR B 177 -2.04 3.72 -7.66
C TYR B 177 -1.73 2.62 -8.67
N ILE B 178 -0.46 2.33 -8.85
CA ILE B 178 -0.01 1.34 -9.82
C ILE B 178 -0.65 -0.05 -9.59
N GLN B 179 -0.81 -0.42 -8.32
CA GLN B 179 -1.36 -1.74 -7.95
C GLN B 179 -2.78 -1.97 -8.44
N GLY B 180 -3.53 -0.90 -8.67
CA GLY B 180 -4.93 -1.02 -9.11
C GLY B 180 -5.11 -0.94 -10.62
N LEU B 181 -4.04 -0.65 -11.35
CA LEU B 181 -4.12 -0.48 -12.79
C LEU B 181 -4.70 -1.69 -13.52
N PHE B 182 -4.30 -2.89 -13.09
CA PHE B 182 -4.94 -4.12 -13.56
C PHE B 182 -5.54 -4.84 -12.38
N SER B 183 -6.82 -4.56 -12.14
CA SER B 183 -7.50 -5.05 -10.96
C SER B 183 -8.97 -5.15 -11.29
N LEU B 184 -9.73 -5.74 -10.36
CA LEU B 184 -11.18 -5.74 -10.44
C LEU B 184 -11.68 -4.35 -10.00
N PRO B 185 -12.41 -3.65 -10.89
CA PRO B 185 -12.70 -2.24 -10.66
C PRO B 185 -13.89 -2.01 -9.74
N ILE B 186 -13.82 -2.53 -8.52
CA ILE B 186 -14.91 -2.39 -7.56
C ILE B 186 -15.02 -0.95 -7.03
N PRO B 187 -16.17 -0.29 -7.27
CA PRO B 187 -16.37 1.11 -6.88
C PRO B 187 -16.63 1.34 -5.38
N LEU B 188 -15.83 0.71 -4.52
CA LEU B 188 -15.93 0.94 -3.07
C LEU B 188 -14.58 1.36 -2.54
N PRO B 189 -14.55 2.36 -1.65
CA PRO B 189 -13.26 2.91 -1.24
C PRO B 189 -12.32 1.88 -0.61
N ASN B 190 -12.88 0.97 0.18
CA ASN B 190 -12.11 -0.01 0.93
C ASN B 190 -11.94 -1.31 0.14
N THR B 191 -11.32 -1.16 -1.02
CA THR B 191 -11.02 -2.28 -1.91
C THR B 191 -9.66 -2.00 -2.48
N LEU B 192 -9.04 -2.99 -3.13
CA LEU B 192 -7.78 -2.71 -3.80
C LEU B 192 -7.91 -1.51 -4.77
N PHE B 193 -8.92 -1.57 -5.64
CA PHE B 193 -9.10 -0.56 -6.67
C PHE B 193 -9.53 0.77 -6.08
N GLY B 194 -10.31 0.71 -5.00
CA GLY B 194 -10.75 1.92 -4.29
C GLY B 194 -9.58 2.69 -3.73
N LYS B 195 -8.59 1.98 -3.20
CA LYS B 195 -7.39 2.64 -2.67
C LYS B 195 -6.52 3.19 -3.80
N SER B 196 -6.48 2.48 -4.92
CA SER B 196 -5.86 3.00 -6.15
C SER B 196 -6.54 4.27 -6.65
N GLN B 197 -7.88 4.24 -6.60
CA GLN B 197 -8.69 5.40 -6.91
C GLN B 197 -8.35 6.59 -6.02
N ARG B 198 -8.16 6.33 -4.73
CA ARG B 198 -7.79 7.39 -3.77
C ARG B 198 -6.41 7.96 -4.05
N ALA B 199 -5.47 7.07 -4.43
CA ALA B 199 -4.09 7.47 -4.71
C ALA B 199 -3.97 8.40 -5.92
N ARG B 200 -4.84 8.19 -6.90
CA ARG B 200 -4.88 8.98 -8.12
C ARG B 200 -5.36 10.40 -7.81
N ALA B 201 -6.41 10.49 -7.00
CA ALA B 201 -6.94 11.74 -6.52
C ALA B 201 -5.86 12.53 -5.79
N LEU B 202 -5.06 11.83 -5.00
CA LEU B 202 -4.00 12.42 -4.19
C LEU B 202 -2.82 12.88 -5.02
N LEU B 203 -2.48 12.11 -6.05
CA LEU B 203 -1.38 12.44 -6.98
C LEU B 203 -1.75 13.63 -7.86
N LEU B 204 -2.99 13.63 -8.35
CA LEU B 204 -3.49 14.70 -9.20
C LEU B 204 -3.44 16.08 -8.51
N ALA B 205 -3.93 16.14 -7.28
CA ALA B 205 -3.88 17.39 -6.51
C ALA B 205 -2.44 17.84 -6.28
N GLU B 206 -1.52 16.89 -6.16
CA GLU B 206 -0.11 17.21 -5.99
C GLU B 206 0.51 17.71 -7.28
N LEU B 207 0.14 17.08 -8.39
CA LEU B 207 0.57 17.50 -9.72
C LEU B 207 0.02 18.90 -10.05
N GLU B 208 -1.28 19.11 -9.77
CA GLU B 208 -1.91 20.40 -10.02
C GLU B 208 -1.16 21.61 -9.39
N LYS B 209 -0.67 21.43 -8.16
CA LYS B 209 0.17 22.41 -7.46
C LYS B 209 1.52 22.67 -8.14
N ILE B 210 2.10 21.61 -8.70
CA ILE B 210 3.37 21.72 -9.41
C ILE B 210 3.15 22.43 -10.72
N ILE B 211 2.02 22.13 -11.36
CA ILE B 211 1.67 22.75 -12.63
C ILE B 211 1.36 24.24 -12.42
N LYS B 212 0.51 24.52 -11.43
CA LYS B 212 0.11 25.90 -11.11
C LYS B 212 1.27 26.81 -10.75
N ALA B 213 2.24 26.28 -10.01
CA ALA B 213 3.44 27.03 -9.64
C ALA B 213 4.40 27.21 -10.82
N ARG B 214 4.31 26.32 -11.80
CA ARG B 214 5.16 26.39 -12.98
C ARG B 214 4.62 27.41 -13.98
N GLN B 215 3.30 27.53 -14.04
CA GLN B 215 2.64 28.53 -14.87
C GLN B 215 2.88 29.98 -14.37
N GLN B 216 3.59 30.10 -13.25
CA GLN B 216 4.00 31.40 -12.71
C GLN B 216 5.37 31.83 -13.23
N GLN B 217 6.28 30.87 -13.35
CA GLN B 217 7.59 31.12 -13.94
C GLN B 217 7.47 31.41 -15.45
N PRO B 218 8.42 32.21 -15.99
CA PRO B 218 8.54 32.32 -17.45
C PRO B 218 8.79 30.96 -18.07
N PRO B 219 8.20 30.69 -19.26
CA PRO B 219 8.27 29.37 -19.91
C PRO B 219 9.70 28.90 -20.19
N SER B 220 9.92 27.61 -19.92
CA SER B 220 11.17 26.92 -20.26
C SER B 220 10.84 25.48 -20.66
N GLU B 221 11.32 25.08 -21.83
CA GLU B 221 10.92 23.83 -22.45
C GLU B 221 12.04 22.78 -22.41
N GLU B 222 12.67 22.67 -21.24
CA GLU B 222 13.82 21.80 -21.00
C GLU B 222 13.42 20.47 -20.35
N ASP B 223 12.16 20.40 -19.91
CA ASP B 223 11.58 19.15 -19.43
C ASP B 223 10.19 18.97 -20.02
N ALA B 224 9.69 17.73 -19.96
CA ALA B 224 8.39 17.38 -20.48
C ALA B 224 7.27 18.32 -20.01
N LEU B 225 7.30 18.73 -18.73
CA LEU B 225 6.27 19.61 -18.18
C LEU B 225 6.21 20.92 -18.98
N GLY B 226 7.37 21.51 -19.26
CA GLY B 226 7.47 22.78 -20.02
C GLY B 226 6.90 22.70 -21.42
N ILE B 227 7.24 21.64 -22.14
CA ILE B 227 6.75 21.44 -23.51
C ILE B 227 5.23 21.33 -23.56
N LEU B 228 4.66 20.62 -22.60
CA LEU B 228 3.20 20.46 -22.52
C LEU B 228 2.55 21.80 -22.30
N LEU B 229 3.12 22.57 -21.39
CA LEU B 229 2.67 23.93 -21.10
C LEU B 229 2.70 24.83 -22.34
N ALA B 230 3.79 24.75 -23.11
CA ALA B 230 3.99 25.62 -24.28
C ALA B 230 3.18 25.18 -25.50
N ALA B 231 2.70 23.94 -25.48
CA ALA B 231 2.06 23.31 -26.61
C ALA B 231 0.68 23.88 -26.99
N ARG B 232 0.28 23.61 -28.23
CA ARG B 232 -1.02 23.96 -28.76
C ARG B 232 -1.62 22.80 -29.53
N ASP B 233 -2.91 22.50 -29.31
CA ASP B 233 -3.60 21.48 -30.10
C ASP B 233 -3.87 21.93 -31.55
N ASP B 234 -4.55 21.11 -32.33
CA ASP B 234 -4.74 21.40 -33.77
C ASP B 234 -5.67 22.58 -34.04
N ASN B 235 -6.50 22.92 -33.06
CA ASN B 235 -7.31 24.11 -33.10
C ASN B 235 -6.61 25.33 -32.49
N ASN B 236 -5.31 25.20 -32.21
CA ASN B 236 -4.50 26.30 -31.67
C ASN B 236 -4.81 26.65 -30.21
N GLN B 237 -5.18 25.63 -29.43
CA GLN B 237 -5.58 25.84 -28.05
C GLN B 237 -4.56 25.30 -27.05
N PRO B 238 -4.38 26.00 -25.89
CA PRO B 238 -3.53 25.43 -24.83
C PRO B 238 -4.14 24.11 -24.37
N LEU B 239 -3.31 23.18 -23.93
CA LEU B 239 -3.84 21.97 -23.31
C LEU B 239 -4.49 22.35 -21.98
N SER B 240 -5.64 21.74 -21.70
CA SER B 240 -6.38 22.00 -20.45
C SER B 240 -5.65 21.46 -19.24
N LEU B 241 -5.94 22.03 -18.07
CA LEU B 241 -5.39 21.58 -16.80
C LEU B 241 -5.63 20.08 -16.50
N PRO B 242 -6.88 19.59 -16.61
CA PRO B 242 -7.08 18.13 -16.54
C PRO B 242 -6.13 17.35 -17.45
N GLU B 243 -6.03 17.71 -18.73
CA GLU B 243 -5.13 17.00 -19.65
C GLU B 243 -3.66 17.09 -19.24
N LEU B 244 -3.24 18.28 -18.81
CA LEU B 244 -1.90 18.47 -18.26
C LEU B 244 -1.56 17.48 -17.13
N LYS B 245 -2.50 17.31 -16.20
CA LYS B 245 -2.30 16.43 -15.05
C LYS B 245 -2.30 14.96 -15.46
N ASP B 246 -3.21 14.60 -16.37
CA ASP B 246 -3.33 13.24 -16.92
C ASP B 246 -2.11 12.83 -17.74
N GLN B 247 -1.51 13.77 -18.47
CA GLN B 247 -0.36 13.46 -19.34
C GLN B 247 0.90 13.30 -18.51
N ILE B 248 1.08 14.19 -17.54
CA ILE B 248 2.22 14.10 -16.64
C ILE B 248 2.17 12.90 -15.69
N LEU B 249 0.99 12.57 -15.18
CA LEU B 249 0.82 11.35 -14.38
C LEU B 249 1.36 10.14 -15.15
N LEU B 250 0.94 10.03 -16.42
CA LEU B 250 1.34 8.95 -17.33
C LEU B 250 2.85 8.87 -17.51
N LEU B 251 3.46 10.02 -17.75
CA LEU B 251 4.89 10.11 -17.97
C LEU B 251 5.61 9.61 -16.73
N LEU B 252 5.20 10.10 -15.56
CA LEU B 252 5.74 9.63 -14.28
C LEU B 252 5.52 8.15 -14.03
N PHE B 253 4.31 7.69 -14.31
CA PHE B 253 3.97 6.29 -14.13
C PHE B 253 4.85 5.39 -15.02
N ALA B 254 4.86 5.68 -16.33
CA ALA B 254 5.59 4.89 -17.33
C ALA B 254 7.10 5.03 -17.19
N GLY B 255 7.55 6.22 -16.83
CA GLY B 255 8.96 6.49 -16.66
C GLY B 255 9.65 5.62 -15.64
N HIS B 256 8.89 5.10 -14.68
CA HIS B 256 9.47 4.31 -13.60
C HIS B 256 8.95 2.87 -13.44
N GLU B 257 7.69 2.60 -13.77
CA GLU B 257 7.16 1.23 -13.63
C GLU B 257 7.83 0.27 -14.59
N THR B 258 7.90 0.67 -15.86
CA THR B 258 8.50 -0.14 -16.92
C THR B 258 9.97 -0.41 -16.59
N LEU B 259 10.67 0.67 -16.26
CA LEU B 259 12.10 0.67 -16.10
C LEU B 259 12.57 0.02 -14.81
N THR B 260 11.71 -0.03 -13.80
CA THR B 260 12.02 -0.76 -12.58
C THR B 260 12.10 -2.27 -12.89
N SER B 261 11.12 -2.77 -13.63
CA SER B 261 11.13 -4.16 -14.11
C SER B 261 12.33 -4.47 -15.00
N ALA B 262 12.59 -3.61 -16.00
CA ALA B 262 13.71 -3.77 -16.95
C ALA B 262 15.08 -3.85 -16.28
N LEU B 263 15.36 -2.94 -15.35
CA LEU B 263 16.64 -2.91 -14.63
C LEU B 263 16.80 -4.10 -13.68
N SER B 264 15.73 -4.45 -12.98
CA SER B 264 15.68 -5.65 -12.14
C SER B 264 16.03 -6.91 -12.94
N SER B 265 15.37 -7.08 -14.09
CA SER B 265 15.65 -8.16 -15.04
C SER B 265 17.09 -8.19 -15.50
N PHE B 266 17.63 -7.00 -15.75
CA PHE B 266 19.02 -6.83 -16.13
C PHE B 266 19.94 -7.30 -15.00
N CYS B 267 19.68 -6.82 -13.78
CA CYS B 267 20.43 -7.21 -12.59
C CYS B 267 20.31 -8.69 -12.26
N LEU B 268 19.13 -9.25 -12.51
CA LEU B 268 18.86 -10.67 -12.33
C LEU B 268 19.66 -11.51 -13.33
N LEU B 269 19.53 -11.19 -14.61
CA LEU B 269 20.19 -11.95 -15.68
C LEU B 269 21.70 -11.83 -15.74
N LEU B 270 22.23 -10.63 -15.53
CA LEU B 270 23.67 -10.45 -15.54
C LEU B 270 24.32 -10.71 -14.17
N GLY B 271 23.49 -10.93 -13.15
CA GLY B 271 23.96 -11.51 -11.89
C GLY B 271 24.23 -13.01 -12.02
N GLN B 272 23.33 -13.70 -12.71
CA GLN B 272 23.51 -15.11 -13.05
C GLN B 272 24.54 -15.34 -14.18
N HIS B 273 24.49 -14.54 -15.24
CA HIS B 273 25.43 -14.69 -16.33
C HIS B 273 26.61 -13.75 -16.23
N SER B 274 27.54 -14.07 -15.35
CA SER B 274 28.68 -13.20 -15.09
C SER B 274 29.67 -13.13 -16.26
N ASP B 275 29.66 -14.14 -17.13
CA ASP B 275 30.47 -14.16 -18.35
C ASP B 275 30.05 -13.06 -19.32
N ILE B 276 28.74 -12.88 -19.47
CA ILE B 276 28.16 -11.80 -20.28
C ILE B 276 28.47 -10.44 -19.67
N ARG B 277 28.34 -10.33 -18.34
CA ARG B 277 28.73 -9.11 -17.64
C ARG B 277 30.21 -8.73 -17.85
N GLU B 278 31.12 -9.72 -17.82
CA GLU B 278 32.54 -9.48 -18.09
C GLU B 278 32.83 -9.04 -19.52
N ARG B 279 32.07 -9.56 -20.48
CA ARG B 279 32.16 -9.13 -21.87
C ARG B 279 31.69 -7.68 -22.05
N VAL B 280 30.66 -7.26 -21.30
CA VAL B 280 30.21 -5.85 -21.33
C VAL B 280 31.30 -4.94 -20.77
N ARG B 281 31.92 -5.37 -19.65
CA ARG B 281 33.03 -4.68 -19.01
C ARG B 281 34.25 -4.56 -19.92
N GLN B 282 34.59 -5.65 -20.61
CA GLN B 282 35.73 -5.63 -21.54
C GLN B 282 35.49 -4.68 -22.74
N GLU B 283 34.22 -4.54 -23.12
CA GLU B 283 33.83 -3.49 -24.06
C GLU B 283 34.04 -2.08 -23.50
N GLN B 284 33.78 -1.85 -22.21
CA GLN B 284 34.02 -0.51 -21.60
C GLN B 284 35.52 -0.23 -21.45
N ASN B 285 36.32 -1.27 -21.27
CA ASN B 285 37.77 -1.12 -21.14
C ASN B 285 38.43 -0.69 -22.45
N LYS B 286 37.83 -1.11 -23.57
CA LYS B 286 38.26 -0.68 -24.92
C LYS B 286 38.13 0.83 -25.15
N LEU B 287 37.51 1.53 -24.18
CA LEU B 287 37.18 2.95 -24.30
C LEU B 287 38.08 3.87 -23.45
N GLU B 292 34.23 10.14 -16.88
CA GLU B 292 33.75 10.83 -18.07
C GLU B 292 32.91 9.89 -18.93
N LEU B 293 31.67 10.29 -19.18
CA LEU B 293 30.68 9.48 -19.91
C LEU B 293 29.68 10.37 -20.67
N THR B 294 29.88 10.49 -21.97
CA THR B 294 29.04 11.32 -22.84
C THR B 294 28.00 10.49 -23.60
N ALA B 295 27.18 11.14 -24.41
CA ALA B 295 26.22 10.46 -25.26
C ALA B 295 26.93 9.75 -26.40
N GLU B 296 27.97 10.39 -26.93
CA GLU B 296 28.82 9.80 -27.98
C GLU B 296 29.41 8.47 -27.54
N THR B 297 29.80 8.39 -26.27
CA THR B 297 30.38 7.18 -25.68
C THR B 297 29.36 6.04 -25.57
N LEU B 298 28.13 6.34 -25.16
CA LEU B 298 27.11 5.30 -25.00
C LEU B 298 26.71 4.64 -26.31
N LYS B 299 26.94 5.35 -27.41
CA LYS B 299 26.64 4.86 -28.76
C LYS B 299 27.83 4.09 -29.37
N LYS B 300 28.78 3.71 -28.50
CA LYS B 300 29.98 2.95 -28.84
C LYS B 300 29.97 1.59 -28.10
N MET B 301 28.78 1.08 -27.85
CA MET B 301 28.58 -0.10 -27.01
C MET B 301 27.67 -1.14 -27.67
N PRO B 302 28.06 -1.66 -28.86
CA PRO B 302 27.14 -2.53 -29.62
C PRO B 302 26.83 -3.85 -28.89
N TYR B 303 27.78 -4.35 -28.10
CA TYR B 303 27.56 -5.61 -27.40
C TYR B 303 26.61 -5.41 -26.20
N LEU B 304 26.83 -4.38 -25.41
CA LEU B 304 25.82 -4.00 -24.43
C LEU B 304 24.44 -3.86 -25.06
N ASP B 305 24.35 -3.28 -26.28
CA ASP B 305 23.04 -3.16 -26.98
C ASP B 305 22.38 -4.52 -27.20
N GLN B 306 23.17 -5.50 -27.64
CA GLN B 306 22.67 -6.89 -27.83
C GLN B 306 22.16 -7.48 -26.53
N VAL B 307 22.99 -7.37 -25.48
CA VAL B 307 22.59 -7.71 -24.10
C VAL B 307 21.25 -7.11 -23.68
N LEU B 308 21.03 -5.82 -23.95
CA LEU B 308 19.76 -5.17 -23.60
C LEU B 308 18.56 -5.61 -24.46
N GLN B 309 18.80 -5.88 -25.74
CA GLN B 309 17.75 -6.46 -26.57
C GLN B 309 17.27 -7.80 -26.00
N GLU B 310 18.20 -8.66 -25.64
CA GLU B 310 17.91 -9.97 -25.05
C GLU B 310 17.25 -9.89 -23.66
N VAL B 311 17.63 -8.89 -22.86
CA VAL B 311 16.99 -8.69 -21.55
C VAL B 311 15.50 -8.39 -21.75
N LEU B 312 15.20 -7.44 -22.64
CA LEU B 312 13.81 -7.14 -22.98
C LEU B 312 13.10 -8.27 -23.70
N ARG B 313 13.87 -9.09 -24.41
CA ARG B 313 13.35 -10.26 -25.11
C ARG B 313 12.87 -11.33 -24.13
N LEU B 314 13.73 -11.69 -23.17
CA LEU B 314 13.42 -12.78 -22.22
C LEU B 314 12.42 -12.39 -21.14
N ILE B 315 12.54 -11.18 -20.59
CA ILE B 315 11.60 -10.66 -19.60
C ILE B 315 11.07 -9.28 -20.04
N PRO B 316 9.97 -9.27 -20.81
CA PRO B 316 9.38 -8.00 -21.29
C PRO B 316 8.76 -7.18 -20.13
N PRO B 317 9.13 -5.89 -20.00
CA PRO B 317 8.54 -5.10 -18.89
C PRO B 317 7.04 -4.94 -19.05
N VAL B 318 6.60 -4.85 -20.30
CA VAL B 318 5.19 -4.70 -20.63
C VAL B 318 4.72 -5.94 -21.37
N GLY B 319 3.64 -6.52 -20.85
CA GLY B 319 3.13 -7.82 -21.28
C GLY B 319 2.40 -7.79 -22.61
N GLY B 320 1.84 -6.64 -22.94
CA GLY B 320 1.23 -6.41 -24.25
C GLY B 320 0.15 -5.35 -24.15
N GLY B 321 -0.74 -5.37 -25.14
CA GLY B 321 -1.77 -4.33 -25.26
C GLY B 321 -3.06 -4.90 -25.79
N PHE B 322 -4.05 -4.04 -25.96
CA PHE B 322 -5.40 -4.43 -26.38
C PHE B 322 -5.91 -3.50 -27.48
N ARG B 323 -6.63 -4.10 -28.44
CA ARG B 323 -7.27 -3.36 -29.53
C ARG B 323 -8.72 -3.82 -29.68
N GLU B 324 -9.65 -2.86 -29.70
CA GLU B 324 -11.05 -3.15 -30.04
C GLU B 324 -11.17 -3.25 -31.56
N LEU B 325 -11.81 -4.33 -32.03
CA LEU B 325 -12.13 -4.50 -33.44
C LEU B 325 -13.30 -3.58 -33.80
N ILE B 326 -13.03 -2.55 -34.61
CA ILE B 326 -14.06 -1.61 -35.05
C ILE B 326 -14.63 -1.95 -36.44
N GLN B 327 -14.20 -3.10 -36.96
CA GLN B 327 -14.82 -3.73 -38.12
C GLN B 327 -14.81 -5.25 -37.92
N ASP B 328 -15.72 -5.94 -38.61
CA ASP B 328 -15.76 -7.40 -38.58
C ASP B 328 -14.61 -7.93 -39.44
N CYS B 329 -13.85 -8.89 -38.90
CA CYS B 329 -12.63 -9.35 -39.55
C CYS B 329 -12.43 -10.86 -39.54
N GLN B 330 -11.32 -11.27 -40.13
CA GLN B 330 -10.99 -12.66 -40.35
C GLN B 330 -9.46 -12.80 -40.41
N PHE B 331 -8.92 -13.80 -39.71
CA PHE B 331 -7.47 -14.00 -39.64
C PHE B 331 -7.13 -15.47 -39.41
N GLN B 332 -6.34 -16.05 -40.32
CA GLN B 332 -5.79 -17.40 -40.19
C GLN B 332 -6.88 -18.49 -40.11
N GLY B 333 -8.02 -18.22 -40.76
CA GLY B 333 -9.14 -19.16 -40.80
C GLY B 333 -10.16 -18.95 -39.69
N PHE B 334 -10.15 -17.77 -39.07
CA PHE B 334 -10.99 -17.49 -37.91
C PHE B 334 -11.77 -16.20 -38.11
N HIS B 335 -12.98 -16.16 -37.56
CA HIS B 335 -13.79 -14.96 -37.55
C HIS B 335 -13.45 -14.13 -36.31
N PHE B 336 -12.82 -12.98 -36.56
CA PHE B 336 -12.59 -11.95 -35.54
C PHE B 336 -13.77 -10.95 -35.57
N PRO B 337 -14.74 -11.09 -34.64
CA PRO B 337 -15.97 -10.31 -34.66
C PRO B 337 -15.77 -8.86 -34.28
N LYS B 338 -16.60 -7.97 -34.84
CA LYS B 338 -16.62 -6.56 -34.43
C LYS B 338 -16.99 -6.44 -32.94
N GLY B 339 -16.48 -5.39 -32.29
CA GLY B 339 -16.80 -5.11 -30.89
C GLY B 339 -15.98 -5.94 -29.93
N TRP B 340 -15.37 -6.99 -30.47
CA TRP B 340 -14.47 -7.85 -29.71
C TRP B 340 -13.09 -7.22 -29.62
N LEU B 341 -12.32 -7.70 -28.64
CA LEU B 341 -10.97 -7.21 -28.39
C LEU B 341 -9.91 -8.20 -28.85
N VAL B 342 -8.78 -7.68 -29.31
CA VAL B 342 -7.64 -8.51 -29.60
C VAL B 342 -6.49 -8.07 -28.71
N SER B 343 -5.88 -9.03 -28.03
CA SER B 343 -4.73 -8.77 -27.18
C SER B 343 -3.49 -9.41 -27.76
N TYR B 344 -2.45 -8.61 -27.98
CA TYR B 344 -1.15 -9.12 -28.37
C TYR B 344 -0.33 -9.31 -27.12
N GLN B 345 0.29 -10.50 -27.03
CA GLN B 345 1.07 -10.87 -25.87
C GLN B 345 2.53 -10.96 -26.25
N ILE B 346 3.31 -10.01 -25.71
CA ILE B 346 4.72 -9.88 -26.06
C ILE B 346 5.50 -11.12 -25.59
N SER B 347 5.17 -11.62 -24.39
CA SER B 347 5.81 -12.85 -23.88
C SER B 347 5.62 -14.06 -24.79
N GLN B 348 4.43 -14.16 -25.39
CA GLN B 348 4.13 -15.29 -26.29
C GLN B 348 4.97 -15.24 -27.59
N THR B 349 5.11 -14.07 -28.20
CA THR B 349 5.95 -13.88 -29.40
C THR B 349 7.41 -14.20 -29.12
N HIS B 350 7.87 -13.71 -27.97
CA HIS B 350 9.26 -13.81 -27.57
C HIS B 350 9.65 -15.23 -27.14
N ALA B 351 8.65 -16.10 -27.01
CA ALA B 351 8.83 -17.50 -26.64
C ALA B 351 8.64 -18.44 -27.83
N ASP B 352 8.20 -17.90 -28.97
CA ASP B 352 8.08 -18.66 -30.22
C ASP B 352 9.43 -19.28 -30.64
N PRO B 353 9.54 -20.61 -30.56
CA PRO B 353 10.81 -21.33 -30.80
C PRO B 353 11.32 -21.33 -32.24
N ASP B 354 10.54 -20.80 -33.18
CA ASP B 354 11.03 -20.58 -34.55
C ASP B 354 11.75 -19.24 -34.62
N LEU B 355 11.17 -18.25 -33.94
CA LEU B 355 11.76 -16.94 -33.72
C LEU B 355 12.97 -16.98 -32.76
N TYR B 356 12.81 -17.68 -31.64
CA TYR B 356 13.85 -17.76 -30.61
C TYR B 356 14.15 -19.22 -30.20
N PRO B 357 14.94 -19.95 -31.05
CA PRO B 357 15.37 -21.31 -30.71
C PRO B 357 15.83 -21.39 -29.26
N ASP B 358 15.37 -22.40 -28.53
CA ASP B 358 15.64 -22.55 -27.08
C ASP B 358 15.29 -21.24 -26.35
N PRO B 359 13.98 -20.90 -26.30
CA PRO B 359 13.55 -19.56 -25.85
C PRO B 359 13.82 -19.22 -24.38
N GLU B 360 13.92 -20.24 -23.54
CA GLU B 360 14.20 -20.03 -22.13
C GLU B 360 15.66 -19.62 -21.87
N LYS B 361 16.51 -19.78 -22.90
CA LYS B 361 17.94 -19.47 -22.83
C LYS B 361 18.19 -17.97 -23.01
N PHE B 362 18.98 -17.39 -22.12
CA PHE B 362 19.42 -16.01 -22.25
C PHE B 362 20.64 -16.01 -23.17
N ASP B 363 20.48 -15.47 -24.37
CA ASP B 363 21.57 -15.49 -25.36
C ASP B 363 21.64 -14.23 -26.23
N PRO B 364 22.46 -13.26 -25.80
CA PRO B 364 22.77 -12.04 -26.56
C PRO B 364 23.29 -12.28 -27.99
N GLU B 365 23.89 -13.45 -28.27
CA GLU B 365 24.36 -13.80 -29.62
C GLU B 365 23.25 -13.83 -30.66
N ARG B 366 22.02 -13.99 -30.20
CA ARG B 366 20.86 -13.90 -31.09
C ARG B 366 20.90 -12.57 -31.87
N PHE B 367 21.46 -11.54 -31.25
CA PHE B 367 21.41 -10.18 -31.81
C PHE B 367 22.75 -9.71 -32.41
N THR B 368 23.71 -10.64 -32.50
CA THR B 368 24.96 -10.44 -33.22
C THR B 368 24.59 -10.34 -34.70
N PRO B 369 25.26 -9.45 -35.48
CA PRO B 369 24.87 -9.11 -36.87
C PRO B 369 24.30 -10.25 -37.75
N ASP B 370 24.84 -11.46 -37.64
CA ASP B 370 24.30 -12.58 -38.42
C ASP B 370 23.63 -13.64 -37.55
N GLY B 371 23.23 -13.24 -36.34
CA GLY B 371 22.55 -14.13 -35.39
C GLY B 371 21.12 -14.38 -35.78
N SER B 372 20.50 -15.37 -35.13
CA SER B 372 19.15 -15.83 -35.47
C SER B 372 18.06 -14.75 -35.41
N ALA B 373 18.18 -13.80 -34.48
CA ALA B 373 17.19 -12.73 -34.33
C ALA B 373 17.17 -11.76 -35.52
N THR B 374 18.33 -11.56 -36.13
CA THR B 374 18.49 -10.69 -37.28
C THR B 374 17.91 -11.26 -38.58
N HIS B 375 17.72 -12.58 -38.63
CA HIS B 375 17.08 -13.22 -39.80
C HIS B 375 15.61 -13.54 -39.56
N ASN B 376 15.02 -12.88 -38.57
CA ASN B 376 13.60 -13.01 -38.29
C ASN B 376 12.78 -12.04 -39.15
N PRO B 377 11.50 -12.39 -39.39
CA PRO B 377 10.61 -11.49 -40.10
C PRO B 377 10.25 -10.29 -39.20
N PRO B 378 9.51 -9.31 -39.74
CA PRO B 378 9.26 -8.13 -38.91
C PRO B 378 8.28 -8.41 -37.77
N PHE B 379 8.37 -7.60 -36.71
CA PHE B 379 7.55 -7.76 -35.50
C PHE B 379 7.81 -9.07 -34.74
N ALA B 380 9.07 -9.48 -34.69
CA ALA B 380 9.49 -10.65 -33.92
C ALA B 380 10.04 -10.26 -32.53
N HIS B 381 10.65 -9.07 -32.47
CA HIS B 381 11.16 -8.50 -31.23
C HIS B 381 10.33 -7.23 -31.03
N VAL B 382 9.43 -7.30 -30.05
CA VAL B 382 8.36 -6.31 -29.86
C VAL B 382 8.21 -5.87 -28.39
N PRO B 383 9.32 -5.62 -27.68
CA PRO B 383 9.13 -5.23 -26.29
C PRO B 383 8.48 -3.84 -26.17
N PHE B 384 8.62 -3.02 -27.22
CA PHE B 384 8.07 -1.67 -27.26
C PHE B 384 6.77 -1.59 -28.09
N GLY B 385 6.18 -2.74 -28.40
CA GLY B 385 4.97 -2.81 -29.25
C GLY B 385 5.25 -2.46 -30.69
N GLY B 386 4.30 -1.81 -31.35
CA GLY B 386 4.49 -1.35 -32.72
C GLY B 386 3.32 -0.59 -33.29
N GLY B 387 3.50 -0.14 -34.53
CA GLY B 387 2.48 0.62 -35.25
C GLY B 387 2.20 1.93 -34.56
N LEU B 388 0.95 2.33 -34.54
CA LEU B 388 0.53 3.64 -34.06
C LEU B 388 0.74 3.86 -32.55
N ARG B 389 0.67 2.78 -31.76
CA ARG B 389 0.85 2.87 -30.29
C ARG B 389 2.28 2.55 -29.81
N GLU B 390 3.22 2.42 -30.74
CA GLU B 390 4.58 2.03 -30.37
C GLU B 390 5.11 2.92 -29.24
N CYS B 391 5.78 2.31 -28.25
CA CYS B 391 6.28 3.02 -27.06
C CYS B 391 6.83 4.40 -27.37
N LEU B 392 6.23 5.40 -26.76
CA LEU B 392 6.70 6.78 -26.95
C LEU B 392 8.06 7.06 -26.29
N GLY B 393 8.33 6.37 -25.17
CA GLY B 393 9.53 6.63 -24.38
C GLY B 393 10.68 5.66 -24.63
N LYS B 394 10.58 4.84 -25.68
CA LYS B 394 11.54 3.74 -25.91
C LYS B 394 13.00 4.15 -25.96
N GLU B 395 13.28 5.33 -26.51
CA GLU B 395 14.67 5.81 -26.53
C GLU B 395 15.14 6.46 -25.21
N PHE B 396 14.20 6.94 -24.40
CA PHE B 396 14.49 7.32 -23.02
C PHE B 396 14.80 6.01 -22.26
N ALA B 397 13.92 5.02 -22.41
CA ALA B 397 14.12 3.70 -21.80
C ALA B 397 15.50 3.12 -22.10
N ARG B 398 15.92 3.17 -23.35
CA ARG B 398 17.23 2.63 -23.73
C ARG B 398 18.37 3.47 -23.14
N LEU B 399 18.24 4.79 -23.14
CA LEU B 399 19.25 5.64 -22.52
C LEU B 399 19.44 5.25 -21.06
N GLU B 400 18.39 5.33 -20.26
CA GLU B 400 18.51 4.99 -18.82
C GLU B 400 19.05 3.56 -18.57
N MET B 401 18.55 2.58 -19.31
CA MET B 401 19.06 1.21 -19.22
C MET B 401 20.57 1.07 -19.49
N LYS B 402 21.07 1.77 -20.50
CA LYS B 402 22.47 1.66 -20.90
C LYS B 402 23.35 2.45 -19.93
N LEU B 403 22.87 3.63 -19.55
CA LEU B 403 23.53 4.39 -18.49
C LEU B 403 23.67 3.53 -17.22
N PHE B 404 22.55 3.00 -16.73
CA PHE B 404 22.59 2.19 -15.52
C PHE B 404 23.56 1.01 -15.66
N ALA B 405 23.36 0.23 -16.72
CA ALA B 405 24.17 -0.94 -17.02
C ALA B 405 25.65 -0.57 -17.06
N THR B 406 25.93 0.54 -17.75
CA THR B 406 27.30 1.05 -17.90
C THR B 406 27.91 1.38 -16.55
N ARG B 407 27.21 2.17 -15.74
CA ARG B 407 27.75 2.61 -14.44
C ARG B 407 27.86 1.49 -13.39
N LEU B 408 26.85 0.64 -13.30
CA LEU B 408 26.88 -0.54 -12.44
C LEU B 408 28.10 -1.43 -12.70
N ILE B 409 28.38 -1.66 -13.99
CA ILE B 409 29.38 -2.64 -14.41
C ILE B 409 30.81 -2.13 -14.31
N GLN B 410 31.02 -0.85 -14.59
CA GLN B 410 32.33 -0.23 -14.36
C GLN B 410 32.71 -0.21 -12.86
N GLN B 411 31.72 -0.18 -11.98
CA GLN B 411 31.97 0.03 -10.55
C GLN B 411 31.80 -1.22 -9.68
N PHE B 412 30.95 -2.15 -10.09
CA PHE B 412 30.60 -3.31 -9.25
C PHE B 412 30.52 -4.65 -9.97
N ASP B 413 30.84 -5.71 -9.22
CA ASP B 413 30.33 -7.03 -9.49
C ASP B 413 29.27 -7.26 -8.43
N TRP B 414 28.41 -8.23 -8.65
CA TRP B 414 27.38 -8.53 -7.69
C TRP B 414 27.01 -10.02 -7.71
N THR B 415 26.42 -10.47 -6.61
CA THR B 415 26.00 -11.85 -6.44
C THR B 415 24.54 -11.86 -6.04
N LEU B 416 23.76 -12.74 -6.66
CA LEU B 416 22.42 -13.01 -6.19
C LEU B 416 22.55 -13.90 -4.96
N LEU B 417 21.83 -13.59 -3.88
CA LEU B 417 21.88 -14.40 -2.66
C LEU B 417 21.24 -15.76 -2.92
N PRO B 418 21.93 -16.85 -2.58
CA PRO B 418 21.45 -18.18 -2.93
C PRO B 418 20.17 -18.55 -2.20
N GLY B 419 19.31 -19.33 -2.86
CA GLY B 419 18.08 -19.84 -2.23
C GLY B 419 16.85 -18.93 -2.20
N GLN B 420 17.02 -17.64 -2.47
CA GLN B 420 15.87 -16.72 -2.58
C GLN B 420 14.93 -17.17 -3.70
N ASN B 421 13.70 -16.66 -3.70
CA ASN B 421 12.75 -16.93 -4.77
C ASN B 421 12.93 -15.89 -5.90
N LEU B 422 13.46 -16.35 -7.03
CA LEU B 422 13.69 -15.52 -8.21
C LEU B 422 12.53 -15.59 -9.19
N GLU B 423 11.53 -16.43 -8.88
CA GLU B 423 10.38 -16.61 -9.75
C GLU B 423 9.63 -15.29 -9.94
N LEU B 424 9.15 -15.08 -11.17
CA LEU B 424 8.62 -13.78 -11.57
C LEU B 424 7.13 -13.60 -11.35
N VAL B 425 6.78 -12.57 -10.60
CA VAL B 425 5.38 -12.18 -10.45
C VAL B 425 5.14 -11.01 -11.40
N VAL B 426 4.04 -11.06 -12.14
CA VAL B 426 3.68 -9.94 -13.04
C VAL B 426 2.42 -9.17 -12.57
N THR B 427 2.63 -8.24 -11.64
CA THR B 427 1.54 -7.48 -11.02
C THR B 427 1.79 -5.96 -11.00
N PRO B 428 1.75 -5.28 -12.17
CA PRO B 428 1.55 -5.68 -13.57
C PRO B 428 2.84 -5.81 -14.41
N SER B 429 4.01 -5.77 -13.77
CA SER B 429 5.29 -5.87 -14.49
C SER B 429 6.11 -7.01 -13.88
N PRO B 430 6.92 -7.71 -14.69
CA PRO B 430 7.73 -8.82 -14.14
C PRO B 430 8.64 -8.43 -12.98
N ARG B 431 8.49 -9.11 -11.85
CA ARG B 431 9.24 -8.79 -10.62
C ARG B 431 9.60 -10.10 -9.92
N PRO B 432 10.89 -10.30 -9.58
CA PRO B 432 11.24 -11.51 -8.81
C PRO B 432 10.60 -11.46 -7.41
N LYS B 433 10.02 -12.58 -7.00
CA LYS B 433 9.15 -12.66 -5.82
C LYS B 433 9.77 -12.12 -4.52
N ASP B 434 11.05 -12.44 -4.28
CA ASP B 434 11.75 -11.99 -3.07
C ASP B 434 12.49 -10.66 -3.27
N ASN B 435 12.17 -9.95 -4.35
CA ASN B 435 12.64 -8.58 -4.59
C ASN B 435 14.13 -8.41 -4.87
N LEU B 436 14.74 -9.50 -5.36
CA LEU B 436 16.14 -9.52 -5.81
C LEU B 436 17.17 -9.13 -4.75
N ARG B 437 17.44 -10.08 -3.85
CA ARG B 437 18.41 -9.90 -2.75
C ARG B 437 19.80 -10.10 -3.33
N VAL B 438 20.65 -9.08 -3.19
CA VAL B 438 21.98 -9.12 -3.80
C VAL B 438 23.08 -8.62 -2.87
N LYS B 439 24.31 -8.88 -3.27
CA LYS B 439 25.49 -8.40 -2.58
C LYS B 439 26.38 -7.75 -3.64
N LEU B 440 26.70 -6.48 -3.44
CA LEU B 440 27.61 -5.76 -4.33
C LEU B 440 29.07 -5.81 -3.86
N HIS B 441 29.98 -5.92 -4.82
CA HIS B 441 31.42 -5.91 -4.56
C HIS B 441 32.06 -4.83 -5.42
N SER B 442 32.66 -3.84 -4.76
CA SER B 442 33.29 -2.70 -5.45
C SER B 442 34.50 -3.09 -6.31
N LEU B 443 34.75 -2.28 -7.34
CA LEU B 443 35.76 -2.55 -8.39
C LEU B 443 35.32 -3.68 -9.33
#